data_2O2L
#
_entry.id   2O2L
#
_cell.length_a   117.799
_cell.length_b   166.965
_cell.length_c   57.478
_cell.angle_alpha   90.00
_cell.angle_beta   90.00
_cell.angle_gamma   90.00
#
_symmetry.space_group_name_H-M   'P 21 21 2'
#
loop_
_entity.id
_entity.type
_entity.pdbx_description
1 polymer 'Heat-labile enterotoxin B chain'
2 branched alpha-L-fucopyranose-(1-2)-[2-acetamido-2-deoxy-alpha-D-galactopyranose-(1-3)]beta-D-galactopyranose-(1-4)-[alpha-L-fucopyranose-(1-3)]beta-D-glucopyranose
3 water water
#
_entity_poly.entity_id   1
_entity_poly.type   'polypeptide(L)'
_entity_poly.pdbx_seq_one_letter_code
;APQSITELCSEYHNTQIYTINDKILSYTESMAGKREMVIITFKSGATFQVEVPGSQHIDSQKKAIERMKDTLRITYLTET
KIDKLCVWNNKTPNSIAAISMEK
;
_entity_poly.pdbx_strand_id   D,E,F,G,H,I,J,K,L,M
#
# COMPACT_ATOMS: atom_id res chain seq x y z
N ALA A 1 -15.75 40.17 -2.70
CA ALA A 1 -15.46 38.72 -2.53
C ALA A 1 -13.98 38.55 -2.20
N PRO A 2 -13.63 37.46 -1.52
CA PRO A 2 -12.26 37.30 -1.10
C PRO A 2 -11.34 37.11 -2.30
N GLN A 3 -10.09 37.52 -2.13
CA GLN A 3 -9.11 37.54 -3.21
C GLN A 3 -7.99 36.55 -2.97
N SER A 4 -8.19 35.65 -2.01
CA SER A 4 -7.21 34.62 -1.68
C SER A 4 -7.85 33.59 -0.78
N ILE A 5 -7.23 32.43 -0.74
CA ILE A 5 -7.72 31.31 0.08
C ILE A 5 -7.71 31.68 1.55
N THR A 6 -6.70 32.43 1.98
CA THR A 6 -6.59 32.81 3.39
C THR A 6 -7.70 33.78 3.76
N GLU A 7 -8.06 34.65 2.84
CA GLU A 7 -9.10 35.62 3.08
C GLU A 7 -10.44 34.90 3.18
N LEU A 8 -10.65 33.99 2.24
CA LEU A 8 -11.88 33.20 2.18
C LEU A 8 -12.07 32.36 3.44
N CYS A 9 -10.98 31.72 3.84
CA CYS A 9 -10.96 30.86 5.01
C CYS A 9 -11.30 31.62 6.31
N SER A 10 -10.74 32.81 6.45
CA SER A 10 -10.98 33.62 7.65
C SER A 10 -12.45 34.06 7.80
N GLU A 11 -13.25 33.93 6.75
CA GLU A 11 -14.69 34.21 6.84
C GLU A 11 -15.49 33.13 7.54
N TYR A 12 -14.96 31.93 7.68
CA TYR A 12 -15.75 30.81 8.22
C TYR A 12 -15.32 30.43 9.63
N HIS A 13 -16.25 29.86 10.38
CA HIS A 13 -15.98 29.27 11.69
C HIS A 13 -15.48 27.85 11.52
N ASN A 14 -14.68 27.38 12.48
CA ASN A 14 -14.16 26.02 12.50
C ASN A 14 -13.33 25.68 11.28
N THR A 15 -12.59 26.67 10.75
CA THR A 15 -11.65 26.45 9.66
C THR A 15 -10.20 26.79 10.01
N GLN A 16 -9.29 26.18 9.28
CA GLN A 16 -7.93 26.60 9.31
C GLN A 16 -7.27 26.34 7.96
N ILE A 17 -6.19 27.06 7.71
CA ILE A 17 -5.37 26.86 6.54
C ILE A 17 -4.33 25.84 6.88
N TYR A 18 -4.13 24.89 6.00
CA TYR A 18 -2.96 24.05 6.04
C TYR A 18 -2.04 24.45 4.87
N THR A 19 -0.78 24.72 5.15
CA THR A 19 0.21 24.88 4.10
C THR A 19 0.71 23.51 3.77
N ILE A 20 0.47 23.08 2.54
CA ILE A 20 0.74 21.72 2.13
C ILE A 20 2.02 21.75 1.35
N ASN A 21 2.08 22.63 0.37
CA ASN A 21 3.27 22.84 -0.41
C ASN A 21 3.86 21.52 -0.93
N ASP A 22 3.00 20.69 -1.51
CA ASP A 22 3.41 19.35 -1.90
C ASP A 22 2.34 18.75 -2.80
N LYS A 23 2.70 17.75 -3.59
CA LYS A 23 1.73 17.00 -4.39
C LYS A 23 1.02 15.98 -3.49
N ILE A 24 -0.09 15.41 -3.98
CA ILE A 24 -0.89 14.45 -3.19
C ILE A 24 -0.18 13.09 -3.18
N LEU A 25 0.01 12.49 -2.00
CA LEU A 25 0.63 11.17 -1.88
C LEU A 25 -0.35 10.05 -2.28
N SER A 26 -1.56 10.08 -1.73
CA SER A 26 -2.55 9.08 -2.10
C SER A 26 -3.91 9.69 -2.29
N TYR A 27 -4.66 9.07 -3.20
CA TYR A 27 -6.01 9.49 -3.54
C TYR A 27 -6.92 8.28 -3.36
N THR A 28 -7.96 8.42 -2.54
CA THR A 28 -8.92 7.36 -2.38
C THR A 28 -10.31 7.87 -2.75
N GLU A 29 -11.08 7.01 -3.40
CA GLU A 29 -12.41 7.39 -3.82
C GLU A 29 -13.37 6.23 -3.60
N SER A 30 -14.50 6.53 -2.98
CA SER A 30 -15.49 5.54 -2.60
C SER A 30 -16.89 5.90 -3.08
N MET A 31 -17.58 4.89 -3.56
CA MET A 31 -18.98 4.98 -3.96
C MET A 31 -19.83 4.06 -3.06
N ALA A 32 -19.28 3.62 -1.94
CA ALA A 32 -20.04 2.81 -0.97
C ALA A 32 -21.12 3.66 -0.33
N GLY A 33 -22.30 3.07 -0.15
CA GLY A 33 -23.47 3.81 0.35
C GLY A 33 -23.21 4.47 1.68
N LYS A 34 -23.52 5.77 1.76
CA LYS A 34 -23.23 6.65 2.94
C LYS A 34 -21.73 6.99 3.16
N ARG A 35 -20.85 6.60 2.22
CA ARG A 35 -19.43 6.97 2.27
C ARG A 35 -18.97 7.37 0.86
N GLU A 36 -19.83 8.11 0.16
CA GLU A 36 -19.50 8.56 -1.18
C GLU A 36 -18.60 9.75 -0.96
N MET A 37 -17.32 9.47 -0.77
CA MET A 37 -16.38 10.47 -0.35
C MET A 37 -15.06 10.30 -1.06
N VAL A 38 -14.23 11.34 -0.97
CA VAL A 38 -12.86 11.27 -1.45
C VAL A 38 -11.92 11.51 -0.28
N ILE A 39 -10.82 10.79 -0.27
CA ILE A 39 -9.82 10.93 0.77
C ILE A 39 -8.47 11.12 0.11
N ILE A 40 -7.80 12.21 0.49
CA ILE A 40 -6.42 12.41 0.09
C ILE A 40 -5.50 12.45 1.31
N THR A 41 -4.24 12.16 1.04
CA THR A 41 -3.23 11.93 2.04
C THR A 41 -1.93 12.57 1.54
N PHE A 42 -1.12 13.04 2.48
CA PHE A 42 0.18 13.64 2.16
C PHE A 42 1.28 12.98 2.96
N LYS A 43 2.51 13.11 2.48
CA LYS A 43 3.62 12.45 3.15
C LYS A 43 3.90 13.12 4.49
N SER A 44 3.35 14.32 4.69
CA SER A 44 3.40 14.94 6.00
C SER A 44 2.66 14.14 7.08
N GLY A 45 1.82 13.20 6.66
CA GLY A 45 0.91 12.49 7.57
C GLY A 45 -0.50 13.08 7.59
N ALA A 46 -0.71 14.16 6.85
CA ALA A 46 -2.01 14.84 6.83
C ALA A 46 -2.99 14.05 5.98
N THR A 47 -4.19 13.81 6.52
CA THR A 47 -5.30 13.19 5.80
C THR A 47 -6.50 14.13 5.72
N PHE A 48 -7.11 14.19 4.55
CA PHE A 48 -8.24 15.06 4.30
C PHE A 48 -9.32 14.31 3.55
N GLN A 49 -10.55 14.78 3.72
CA GLN A 49 -11.68 14.23 3.01
C GLN A 49 -12.40 15.31 2.27
N VAL A 50 -13.09 14.92 1.20
CA VAL A 50 -14.22 15.67 0.74
C VAL A 50 -15.42 14.90 1.25
N GLU A 51 -16.18 15.54 2.13
CA GLU A 51 -17.30 14.89 2.82
C GLU A 51 -18.36 14.38 1.86
N VAL A 52 -19.02 13.32 2.30
CA VAL A 52 -20.28 12.86 1.72
C VAL A 52 -21.24 14.07 1.62
N PRO A 53 -21.98 14.19 0.50
CA PRO A 53 -22.85 15.38 0.31
C PRO A 53 -24.02 15.54 1.30
N ASP A 59 -27.42 23.53 -2.41
CA ASP A 59 -27.64 22.94 -3.74
C ASP A 59 -26.68 23.41 -4.86
N SER A 60 -26.13 24.62 -4.75
CA SER A 60 -24.98 25.01 -5.59
C SER A 60 -23.71 24.45 -4.94
N GLN A 61 -23.81 24.09 -3.67
CA GLN A 61 -22.75 23.34 -3.01
C GLN A 61 -22.63 21.92 -3.57
N LYS A 62 -23.72 21.34 -4.07
CA LYS A 62 -23.67 20.01 -4.66
C LYS A 62 -22.70 20.03 -5.85
N LYS A 63 -22.87 20.96 -6.77
CA LYS A 63 -21.98 21.07 -7.91
C LYS A 63 -20.53 21.34 -7.46
N ALA A 64 -20.37 22.15 -6.42
CA ALA A 64 -19.05 22.51 -5.93
C ALA A 64 -18.33 21.30 -5.31
N ILE A 65 -19.09 20.46 -4.60
CA ILE A 65 -18.56 19.23 -4.01
C ILE A 65 -18.00 18.34 -5.12
N GLU A 66 -18.82 18.12 -6.16
CA GLU A 66 -18.39 17.30 -7.29
C GLU A 66 -17.15 17.90 -8.01
N ARG A 67 -17.13 19.22 -8.16
CA ARG A 67 -15.95 19.89 -8.71
C ARG A 67 -14.71 19.66 -7.86
N MET A 68 -14.83 19.81 -6.55
CA MET A 68 -13.67 19.57 -5.67
C MET A 68 -13.11 18.16 -5.85
N LYS A 69 -13.95 17.15 -5.85
CA LYS A 69 -13.51 15.77 -6.08
C LYS A 69 -12.84 15.59 -7.44
N ASP A 70 -13.38 16.27 -8.47
CA ASP A 70 -12.77 16.31 -9.80
C ASP A 70 -11.37 16.92 -9.71
N THR A 71 -11.26 18.05 -9.03
CA THR A 71 -10.00 18.74 -8.90
C THR A 71 -8.96 17.91 -8.16
N LEU A 72 -9.36 17.25 -7.09
CA LEU A 72 -8.38 16.45 -6.36
C LEU A 72 -7.91 15.29 -7.21
N ARG A 73 -8.81 14.70 -7.99
CA ARG A 73 -8.42 13.58 -8.82
C ARG A 73 -7.36 13.96 -9.84
N ILE A 74 -7.65 14.99 -10.60
CA ILE A 74 -6.78 15.42 -11.67
C ILE A 74 -5.47 15.99 -11.09
N THR A 75 -5.57 16.61 -9.91
CA THR A 75 -4.38 17.13 -9.22
C THR A 75 -3.47 15.99 -8.82
N TYR A 76 -4.06 14.90 -8.33
CA TYR A 76 -3.27 13.72 -7.96
C TYR A 76 -2.64 13.14 -9.22
N LEU A 77 -3.42 12.99 -10.28
CA LEU A 77 -2.94 12.35 -11.51
C LEU A 77 -1.78 13.10 -12.20
N THR A 78 -1.82 14.42 -12.13
CA THR A 78 -0.79 15.24 -12.76
C THR A 78 0.36 15.55 -11.80
N GLU A 79 0.28 15.08 -10.56
CA GLU A 79 1.32 15.37 -9.54
C GLU A 79 1.50 16.85 -9.32
N THR A 80 0.41 17.60 -9.44
CA THR A 80 0.40 19.04 -9.23
C THR A 80 0.59 19.40 -7.76
N LYS A 81 1.48 20.35 -7.54
CA LYS A 81 1.81 20.85 -6.21
C LYS A 81 0.66 21.70 -5.68
N ILE A 82 0.11 21.29 -4.54
CA ILE A 82 -0.89 22.08 -3.82
C ILE A 82 -0.19 23.09 -2.93
N ASP A 83 -0.68 24.34 -2.95
CA ASP A 83 -0.12 25.40 -2.09
C ASP A 83 -0.80 25.30 -0.73
N LYS A 84 -2.09 25.61 -0.66
CA LYS A 84 -2.84 25.50 0.60
C LYS A 84 -4.14 24.73 0.48
N LEU A 85 -4.63 24.30 1.65
CA LEU A 85 -5.98 23.78 1.82
C LEU A 85 -6.68 24.54 2.93
N CYS A 86 -7.87 25.03 2.66
CA CYS A 86 -8.73 25.53 3.72
C CYS A 86 -9.64 24.39 4.13
N VAL A 87 -9.54 23.97 5.39
CA VAL A 87 -10.31 22.81 5.88
C VAL A 87 -11.12 23.15 7.13
N TRP A 88 -12.20 22.40 7.30
CA TRP A 88 -13.00 22.42 8.51
C TRP A 88 -12.34 21.45 9.48
N ASN A 89 -11.99 21.91 10.68
CA ASN A 89 -11.25 21.08 11.65
C ASN A 89 -12.10 20.57 12.80
N ASN A 90 -13.41 20.56 12.60
CA ASN A 90 -14.34 19.91 13.54
C ASN A 90 -14.85 18.59 12.95
N LYS A 91 -14.13 18.07 11.96
CA LYS A 91 -14.43 16.80 11.34
C LYS A 91 -13.15 15.95 11.32
N THR A 92 -13.32 14.63 11.26
CA THR A 92 -12.21 13.70 11.24
C THR A 92 -12.41 12.69 10.10
N PRO A 93 -11.59 12.78 9.05
CA PRO A 93 -10.50 13.75 8.92
C PRO A 93 -11.01 15.14 8.56
N ASN A 94 -10.12 16.12 8.62
CA ASN A 94 -10.50 17.46 8.28
C ASN A 94 -11.06 17.50 6.86
N SER A 95 -12.15 18.23 6.71
CA SER A 95 -12.92 18.28 5.48
C SER A 95 -12.52 19.50 4.71
N ILE A 96 -12.35 19.33 3.40
CA ILE A 96 -11.81 20.37 2.56
C ILE A 96 -12.89 21.39 2.16
N ALA A 97 -12.59 22.66 2.39
CA ALA A 97 -13.47 23.77 1.96
C ALA A 97 -12.92 24.48 0.74
N ALA A 98 -11.60 24.59 0.64
CA ALA A 98 -10.99 25.19 -0.53
C ALA A 98 -9.54 24.76 -0.73
N ILE A 99 -9.08 24.88 -1.97
CA ILE A 99 -7.75 24.49 -2.38
C ILE A 99 -7.14 25.59 -3.22
N SER A 100 -5.84 25.79 -3.08
CA SER A 100 -5.11 26.72 -3.92
C SER A 100 -3.87 26.03 -4.45
N MET A 101 -3.45 26.41 -5.64
CA MET A 101 -2.32 25.78 -6.32
C MET A 101 -1.48 26.86 -7.03
N GLU A 102 -0.17 26.64 -7.08
CA GLU A 102 0.81 27.61 -7.59
C GLU A 102 2.13 26.82 -7.73
N LYS A 103 2.92 26.89 -8.81
CA LYS A 103 2.87 27.87 -9.93
C LYS A 103 2.48 27.23 -11.28
N ALA B 1 -23.37 37.65 -34.20
CA ALA B 1 -22.58 37.47 -32.94
C ALA B 1 -21.19 38.09 -33.09
N PRO B 2 -20.56 38.49 -31.97
CA PRO B 2 -19.22 39.02 -32.02
C PRO B 2 -18.25 37.99 -32.56
N GLN B 3 -17.12 38.44 -33.06
CA GLN B 3 -16.19 37.54 -33.72
C GLN B 3 -14.85 37.48 -33.01
N SER B 4 -14.79 38.08 -31.83
CA SER B 4 -13.57 38.16 -31.05
C SER B 4 -13.90 38.59 -29.64
N ILE B 5 -12.96 38.39 -28.74
CA ILE B 5 -13.19 38.70 -27.35
C ILE B 5 -13.42 40.22 -27.15
N THR B 6 -12.66 41.03 -27.87
CA THR B 6 -12.79 42.50 -27.81
C THR B 6 -14.17 42.96 -28.33
N GLU B 7 -14.63 42.37 -29.43
CA GLU B 7 -15.97 42.67 -29.95
C GLU B 7 -17.01 42.30 -28.91
N LEU B 8 -16.87 41.11 -28.34
CA LEU B 8 -17.79 40.64 -27.31
C LEU B 8 -17.76 41.57 -26.10
N CYS B 9 -16.55 41.88 -25.62
CA CYS B 9 -16.39 42.82 -24.50
C CYS B 9 -17.13 44.16 -24.73
N SER B 10 -17.10 44.65 -25.97
CA SER B 10 -17.77 45.92 -26.34
C SER B 10 -19.30 45.87 -26.41
N GLU B 11 -19.89 44.68 -26.36
CA GLU B 11 -21.35 44.58 -26.29
C GLU B 11 -21.88 44.79 -24.86
N TYR B 12 -21.00 44.71 -23.86
CA TYR B 12 -21.44 44.75 -22.48
C TYR B 12 -20.94 45.97 -21.74
N HIS B 13 -21.66 46.28 -20.67
CA HIS B 13 -21.36 47.39 -19.80
C HIS B 13 -20.56 46.91 -18.62
N ASN B 14 -19.71 47.78 -18.11
CA ASN B 14 -18.87 47.49 -16.96
C ASN B 14 -17.86 46.40 -17.26
N THR B 15 -17.34 46.38 -18.49
CA THR B 15 -16.33 45.40 -18.87
C THR B 15 -15.10 46.06 -19.39
N GLN B 16 -13.98 45.36 -19.28
CA GLN B 16 -12.76 45.78 -19.93
C GLN B 16 -11.93 44.58 -20.30
N ILE B 17 -11.06 44.78 -21.28
CA ILE B 17 -10.16 43.74 -21.73
C ILE B 17 -8.86 43.87 -20.98
N TYR B 18 -8.42 42.78 -20.36
CA TYR B 18 -7.08 42.69 -19.81
C TYR B 18 -6.29 41.77 -20.71
N THR B 19 -5.18 42.28 -21.23
CA THR B 19 -4.27 41.50 -22.05
C THR B 19 -3.22 40.86 -21.14
N ILE B 20 -3.23 39.54 -21.08
CA ILE B 20 -2.44 38.81 -20.12
C ILE B 20 -1.19 38.24 -20.80
N ASN B 21 -1.36 37.60 -21.96
CA ASN B 21 -0.26 36.89 -22.62
C ASN B 21 0.65 36.16 -21.60
N ASP B 22 0.04 35.29 -20.80
CA ASP B 22 0.75 34.58 -19.76
C ASP B 22 -0.12 33.43 -19.22
N LYS B 23 0.55 32.42 -18.68
CA LYS B 23 -0.15 31.33 -18.03
C LYS B 23 -0.64 31.81 -16.66
N ILE B 24 -1.57 31.07 -16.06
CA ILE B 24 -2.08 31.37 -14.72
C ILE B 24 -1.04 31.02 -13.64
N LEU B 25 -0.87 31.93 -12.68
CA LEU B 25 0.09 31.77 -11.60
C LEU B 25 -0.50 30.89 -10.53
N SER B 26 -1.70 31.19 -10.11
CA SER B 26 -2.35 30.39 -9.08
C SER B 26 -3.82 30.19 -9.37
N TYR B 27 -4.32 29.05 -8.93
CA TYR B 27 -5.72 28.67 -9.10
C TYR B 27 -6.25 28.32 -7.73
N THR B 28 -7.29 29.01 -7.30
CA THR B 28 -7.93 28.72 -6.02
C THR B 28 -9.38 28.37 -6.26
N GLU B 29 -9.85 27.34 -5.55
CA GLU B 29 -11.20 26.83 -5.73
C GLU B 29 -11.80 26.53 -4.36
N SER B 30 -13.04 26.97 -4.18
CA SER B 30 -13.69 26.84 -2.91
C SER B 30 -15.07 26.26 -3.10
N MET B 31 -15.42 25.35 -2.22
CA MET B 31 -16.78 24.81 -2.13
C MET B 31 -17.45 25.26 -0.84
N ALA B 32 -16.83 26.23 -0.15
CA ALA B 32 -17.43 26.80 1.03
C ALA B 32 -18.75 27.44 0.67
N GLY B 33 -19.76 27.25 1.51
CA GLY B 33 -21.10 27.76 1.28
C GLY B 33 -21.11 29.26 1.07
N LYS B 34 -21.83 29.66 0.01
CA LYS B 34 -21.91 31.06 -0.44
C LYS B 34 -20.60 31.60 -1.02
N ARG B 35 -19.59 30.74 -1.14
CA ARG B 35 -18.35 31.13 -1.78
C ARG B 35 -17.93 30.07 -2.76
N GLU B 36 -18.93 29.51 -3.47
CA GLU B 36 -18.67 28.48 -4.46
C GLU B 36 -18.11 29.18 -5.67
N MET B 37 -16.80 29.37 -5.66
CA MET B 37 -16.12 30.25 -6.61
C MET B 37 -14.72 29.77 -6.95
N VAL B 38 -14.17 30.34 -8.02
CA VAL B 38 -12.78 30.13 -8.38
C VAL B 38 -12.15 31.50 -8.42
N ILE B 39 -10.90 31.58 -7.98
CA ILE B 39 -10.11 32.81 -8.05
C ILE B 39 -8.83 32.46 -8.81
N ILE B 40 -8.43 33.33 -9.73
CA ILE B 40 -7.17 33.13 -10.41
C ILE B 40 -6.29 34.34 -10.25
N THR B 41 -4.99 34.11 -10.41
CA THR B 41 -3.95 35.07 -10.12
C THR B 41 -2.91 35.01 -11.23
N PHE B 42 -2.37 36.17 -11.59
CA PHE B 42 -1.30 36.21 -12.57
C PHE B 42 -0.10 36.92 -12.01
N LYS B 43 1.02 36.73 -12.68
CA LYS B 43 2.28 37.35 -12.28
C LYS B 43 2.24 38.86 -12.34
N SER B 44 1.37 39.40 -13.18
CA SER B 44 1.26 40.84 -13.36
C SER B 44 0.74 41.51 -12.12
N GLY B 45 0.24 40.72 -11.19
CA GLY B 45 -0.42 41.25 -10.00
C GLY B 45 -1.93 41.12 -10.08
N ALA B 46 -2.47 40.72 -11.23
CA ALA B 46 -3.90 40.71 -11.42
C ALA B 46 -4.58 39.55 -10.69
N THR B 47 -5.76 39.80 -10.14
CA THR B 47 -6.56 38.75 -9.54
C THR B 47 -7.95 38.79 -10.10
N PHE B 48 -8.48 37.60 -10.40
CA PHE B 48 -9.80 37.50 -10.98
C PHE B 48 -10.60 36.40 -10.33
N GLN B 49 -11.92 36.49 -10.41
CA GLN B 49 -12.80 35.42 -9.96
C GLN B 49 -13.71 34.94 -11.08
N VAL B 50 -14.17 33.70 -10.98
CA VAL B 50 -15.51 33.33 -11.41
C VAL B 50 -16.48 33.29 -10.22
N GLU B 51 -17.41 34.25 -10.20
CA GLU B 51 -18.18 34.52 -8.99
C GLU B 51 -19.23 33.44 -8.75
N VAL B 52 -19.60 33.25 -7.49
CA VAL B 52 -20.74 32.42 -7.14
C VAL B 52 -21.93 32.69 -8.07
N PRO B 53 -22.60 31.63 -8.49
CA PRO B 53 -23.92 31.74 -9.11
C PRO B 53 -24.91 32.42 -8.16
N GLY B 54 -25.69 33.36 -8.70
CA GLY B 54 -26.60 34.17 -7.91
C GLY B 54 -27.73 34.76 -8.73
N SER B 55 -28.56 35.57 -8.07
CA SER B 55 -29.74 36.18 -8.69
C SER B 55 -29.39 37.03 -9.93
N GLN B 56 -28.21 37.65 -9.90
CA GLN B 56 -27.72 38.47 -11.02
C GLN B 56 -27.44 37.64 -12.30
N HIS B 57 -27.37 36.30 -12.16
CA HIS B 57 -27.14 35.41 -13.30
C HIS B 57 -28.45 34.87 -13.88
N ILE B 58 -28.57 34.94 -15.21
CA ILE B 58 -29.69 34.32 -15.91
C ILE B 58 -29.40 32.83 -16.13
N ASP B 59 -30.45 32.04 -16.31
CA ASP B 59 -30.39 30.57 -16.34
C ASP B 59 -29.40 29.99 -17.35
N SER B 60 -29.27 30.64 -18.51
CA SER B 60 -28.28 30.24 -19.52
C SER B 60 -26.81 30.47 -19.08
N GLN B 61 -26.59 31.39 -18.14
CA GLN B 61 -25.26 31.59 -17.59
C GLN B 61 -24.80 30.45 -16.67
N LYS B 62 -25.75 29.69 -16.12
CA LYS B 62 -25.43 28.68 -15.11
C LYS B 62 -24.50 27.60 -15.63
N LYS B 63 -24.76 27.10 -16.83
CA LYS B 63 -23.87 26.11 -17.41
C LYS B 63 -22.54 26.73 -17.85
N ALA B 64 -22.57 28.00 -18.21
CA ALA B 64 -21.37 28.71 -18.67
C ALA B 64 -20.41 29.04 -17.53
N ILE B 65 -20.96 29.29 -16.35
CA ILE B 65 -20.15 29.50 -15.16
C ILE B 65 -19.40 28.23 -14.85
N GLU B 66 -20.14 27.12 -14.75
CA GLU B 66 -19.48 25.80 -14.57
C GLU B 66 -18.41 25.55 -15.64
N ARG B 67 -18.73 25.79 -16.92
CA ARG B 67 -17.72 25.63 -17.98
C ARG B 67 -16.50 26.54 -17.79
N MET B 68 -16.72 27.81 -17.47
CA MET B 68 -15.61 28.73 -17.28
C MET B 68 -14.64 28.22 -16.21
N LYS B 69 -15.19 27.69 -15.12
CA LYS B 69 -14.37 27.13 -14.07
C LYS B 69 -13.63 25.86 -14.53
N ASP B 70 -14.29 25.02 -15.31
CA ASP B 70 -13.63 23.83 -15.93
C ASP B 70 -12.42 24.27 -16.76
N THR B 71 -12.63 25.29 -17.57
CA THR B 71 -11.58 25.85 -18.44
C THR B 71 -10.37 26.41 -17.69
N LEU B 72 -10.65 27.17 -16.64
CA LEU B 72 -9.57 27.80 -15.90
C LEU B 72 -8.72 26.73 -15.23
N ARG B 73 -9.36 25.72 -14.65
CA ARG B 73 -8.60 24.66 -13.99
C ARG B 73 -7.65 24.03 -14.98
N ILE B 74 -8.19 23.53 -16.09
CA ILE B 74 -7.37 22.85 -17.07
C ILE B 74 -6.34 23.80 -17.70
N THR B 75 -6.69 25.08 -17.82
CA THR B 75 -5.73 26.06 -18.28
C THR B 75 -4.58 26.14 -17.30
N TYR B 76 -4.90 26.23 -16.01
CA TYR B 76 -3.85 26.24 -15.01
C TYR B 76 -2.96 25.00 -15.10
N LEU B 77 -3.54 23.82 -15.20
CA LEU B 77 -2.79 22.56 -15.10
C LEU B 77 -1.91 22.28 -16.30
N THR B 78 -2.35 22.72 -17.47
CA THR B 78 -1.58 22.55 -18.70
C THR B 78 -0.61 23.72 -18.98
N GLU B 79 -0.65 24.74 -18.12
CA GLU B 79 0.20 25.94 -18.22
C GLU B 79 -0.04 26.73 -19.50
N THR B 80 -1.24 26.61 -20.04
CA THR B 80 -1.64 27.24 -21.28
C THR B 80 -1.70 28.77 -21.16
N LYS B 81 -1.09 29.44 -22.13
CA LYS B 81 -1.03 30.89 -22.16
C LYS B 81 -2.40 31.44 -22.47
N ILE B 82 -2.88 32.31 -21.58
CA ILE B 82 -4.10 33.08 -21.81
C ILE B 82 -3.74 34.37 -22.56
N ASP B 83 -4.45 34.65 -23.64
CA ASP B 83 -4.28 35.88 -24.41
C ASP B 83 -4.97 37.05 -23.67
N LYS B 84 -6.29 37.10 -23.71
CA LYS B 84 -7.02 38.19 -23.10
C LYS B 84 -8.09 37.68 -22.14
N LEU B 85 -8.52 38.56 -21.23
CA LEU B 85 -9.70 38.32 -20.39
C LEU B 85 -10.66 39.50 -20.52
N CYS B 86 -11.93 39.21 -20.71
CA CYS B 86 -12.96 40.21 -20.60
C CYS B 86 -13.50 40.12 -19.20
N VAL B 87 -13.29 41.17 -18.41
CA VAL B 87 -13.74 41.14 -17.03
C VAL B 87 -14.75 42.24 -16.71
N TRP B 88 -15.70 41.91 -15.83
CA TRP B 88 -16.60 42.91 -15.27
C TRP B 88 -15.82 43.65 -14.20
N ASN B 89 -15.68 44.97 -14.35
CA ASN B 89 -14.86 45.73 -13.43
C ASN B 89 -15.66 46.44 -12.33
N ASN B 90 -16.94 46.09 -12.21
CA ASN B 90 -17.74 46.54 -11.08
C ASN B 90 -17.82 45.51 -9.94
N LYS B 91 -16.92 44.52 -9.97
CA LYS B 91 -16.75 43.57 -8.87
C LYS B 91 -15.30 43.58 -8.43
N THR B 92 -15.08 43.26 -7.15
CA THR B 92 -13.75 43.01 -6.61
C THR B 92 -13.71 41.57 -6.05
N PRO B 93 -12.80 40.74 -6.58
CA PRO B 93 -11.96 41.02 -7.72
C PRO B 93 -12.77 41.05 -9.00
N ASN B 94 -12.19 41.55 -10.08
CA ASN B 94 -12.87 41.57 -11.33
C ASN B 94 -13.35 40.16 -11.71
N SER B 95 -14.55 40.11 -12.27
CA SER B 95 -15.24 38.86 -12.57
C SER B 95 -15.13 38.53 -14.05
N ILE B 96 -14.80 37.28 -14.37
CA ILE B 96 -14.53 36.87 -15.74
C ILE B 96 -15.81 36.69 -16.58
N ALA B 97 -15.90 37.44 -17.68
CA ALA B 97 -17.01 37.33 -18.61
C ALA B 97 -16.60 36.49 -19.82
N ALA B 98 -15.36 36.64 -20.25
CA ALA B 98 -14.85 35.86 -21.38
C ALA B 98 -13.35 35.67 -21.23
N ILE B 99 -12.83 34.64 -21.88
CA ILE B 99 -11.41 34.30 -21.87
C ILE B 99 -11.00 33.94 -23.31
N SER B 100 -9.76 34.25 -23.68
CA SER B 100 -9.26 33.88 -24.99
C SER B 100 -7.85 33.39 -24.80
N MET B 101 -7.49 32.39 -25.57
CA MET B 101 -6.13 31.90 -25.55
C MET B 101 -5.66 31.67 -26.96
N GLU B 102 -4.38 31.94 -27.18
CA GLU B 102 -3.82 31.89 -28.50
C GLU B 102 -2.41 31.34 -28.44
N LYS B 103 -2.16 30.35 -29.31
CA LYS B 103 -0.82 29.89 -29.72
C LYS B 103 -0.97 29.15 -31.07
N ALA C 1 -27.99 6.38 -41.20
CA ALA C 1 -27.27 7.65 -40.83
C ALA C 1 -26.14 7.97 -41.82
N PRO C 2 -25.67 9.22 -41.82
CA PRO C 2 -24.54 9.57 -42.66
C PRO C 2 -23.26 8.95 -42.10
N GLN C 3 -22.32 8.64 -42.98
CA GLN C 3 -21.11 7.94 -42.60
C GLN C 3 -19.87 8.81 -42.70
N SER C 4 -20.07 10.10 -42.89
CA SER C 4 -18.97 11.04 -43.00
C SER C 4 -19.49 12.45 -42.76
N ILE C 5 -18.57 13.35 -42.43
CA ILE C 5 -18.94 14.72 -42.14
C ILE C 5 -19.48 15.38 -43.40
N THR C 6 -18.87 15.08 -44.54
CA THR C 6 -19.31 15.62 -45.84
C THR C 6 -20.74 15.17 -46.17
N GLU C 7 -21.00 13.88 -46.01
CA GLU C 7 -22.33 13.30 -46.21
C GLU C 7 -23.35 14.02 -45.29
N LEU C 8 -22.99 14.14 -44.01
CA LEU C 8 -23.87 14.74 -43.02
C LEU C 8 -24.16 16.20 -43.36
N CYS C 9 -23.12 16.89 -43.78
CA CYS C 9 -23.20 18.30 -44.15
C CYS C 9 -24.18 18.55 -45.29
N SER C 10 -24.06 17.74 -46.33
CA SER C 10 -24.96 17.77 -47.47
C SER C 10 -26.44 17.59 -47.13
N GLU C 11 -26.76 17.12 -45.91
CA GLU C 11 -28.14 16.93 -45.50
C GLU C 11 -28.86 18.20 -45.07
N TYR C 12 -28.11 19.25 -44.75
CA TYR C 12 -28.71 20.48 -44.25
C TYR C 12 -28.63 21.62 -45.26
N HIS C 13 -29.60 22.52 -45.21
CA HIS C 13 -29.52 23.78 -45.93
C HIS C 13 -28.51 24.73 -45.29
N ASN C 14 -27.96 25.63 -46.09
CA ASN C 14 -27.05 26.67 -45.61
C ASN C 14 -25.83 26.13 -44.88
N THR C 15 -25.23 25.09 -45.42
CA THR C 15 -24.01 24.53 -44.85
C THR C 15 -22.94 24.40 -45.91
N GLN C 16 -21.69 24.43 -45.46
CA GLN C 16 -20.59 24.08 -46.31
C GLN C 16 -19.55 23.40 -45.48
N ILE C 17 -18.61 22.77 -46.17
CA ILE C 17 -17.47 22.14 -45.56
C ILE C 17 -16.27 23.04 -45.76
N TYR C 18 -15.71 23.55 -44.67
CA TYR C 18 -14.37 24.13 -44.69
C TYR C 18 -13.37 23.04 -44.42
N THR C 19 -12.42 22.87 -45.34
CA THR C 19 -11.34 21.94 -45.13
C THR C 19 -10.28 22.70 -44.40
N ILE C 20 -9.97 22.28 -43.18
CA ILE C 20 -9.11 23.04 -42.30
C ILE C 20 -7.70 22.49 -42.30
N ASN C 21 -7.58 21.19 -42.10
CA ASN C 21 -6.27 20.54 -42.04
C ASN C 21 -5.23 21.35 -41.22
N ASP C 22 -5.64 21.80 -40.05
CA ASP C 22 -4.77 22.58 -39.18
C ASP C 22 -5.29 22.58 -37.74
N LYS C 23 -4.43 22.99 -36.81
CA LYS C 23 -4.83 23.14 -35.43
C LYS C 23 -5.52 24.47 -35.21
N ILE C 24 -6.17 24.62 -34.06
CA ILE C 24 -6.85 25.85 -33.73
C ILE C 24 -5.83 26.93 -33.36
N LEU C 25 -5.99 28.11 -33.95
CA LEU C 25 -5.13 29.25 -33.62
C LEU C 25 -5.57 29.88 -32.33
N SER C 26 -6.87 30.09 -32.15
CA SER C 26 -7.33 30.69 -30.90
C SER C 26 -8.65 30.12 -30.48
N TYR C 27 -8.81 30.00 -29.17
CA TYR C 27 -10.01 29.55 -28.53
C TYR C 27 -10.51 30.70 -27.66
N THR C 28 -11.76 31.09 -27.86
CA THR C 28 -12.39 32.11 -27.02
C THR C 28 -13.72 31.59 -26.48
N GLU C 29 -13.88 31.74 -25.17
CA GLU C 29 -15.02 31.24 -24.46
C GLU C 29 -15.64 32.33 -23.59
N SER C 30 -16.98 32.45 -23.66
CA SER C 30 -17.72 33.51 -22.98
C SER C 30 -18.89 32.98 -22.11
N MET C 31 -19.00 33.50 -20.89
CA MET C 31 -20.13 33.21 -20.02
C MET C 31 -20.98 34.47 -19.80
N ALA C 32 -20.71 35.50 -20.59
CA ALA C 32 -21.50 36.74 -20.55
C ALA C 32 -22.95 36.43 -20.96
N GLY C 33 -23.90 37.01 -20.21
CA GLY C 33 -25.32 36.77 -20.37
C GLY C 33 -25.73 37.01 -21.80
N LYS C 34 -26.37 36.00 -22.41
CA LYS C 34 -26.82 36.01 -23.82
C LYS C 34 -25.70 35.89 -24.89
N ARG C 35 -24.46 35.70 -24.46
CA ARG C 35 -23.38 35.33 -25.38
C ARG C 35 -22.59 34.18 -24.79
N GLU C 36 -23.32 33.18 -24.31
CA GLU C 36 -22.67 31.99 -23.75
C GLU C 36 -22.24 31.17 -24.94
N MET C 37 -21.02 31.41 -25.38
CA MET C 37 -20.57 30.88 -26.66
C MET C 37 -19.08 30.59 -26.68
N VAL C 38 -18.67 29.93 -27.76
CA VAL C 38 -17.27 29.73 -28.08
C VAL C 38 -17.03 30.26 -29.48
N ILE C 39 -15.90 30.94 -29.64
CA ILE C 39 -15.41 31.38 -30.93
C ILE C 39 -14.05 30.72 -31.13
N ILE C 40 -13.84 30.09 -32.28
CA ILE C 40 -12.52 29.59 -32.63
C ILE C 40 -12.02 30.28 -33.89
N THR C 41 -10.70 30.27 -34.04
CA THR C 41 -10.02 31.01 -35.11
C THR C 41 -8.91 30.11 -35.69
N PHE C 42 -8.63 30.29 -36.98
CA PHE C 42 -7.50 29.62 -37.63
C PHE C 42 -6.58 30.61 -38.32
N LYS C 43 -5.37 30.18 -38.70
CA LYS C 43 -4.41 31.12 -39.30
C LYS C 43 -4.78 31.39 -40.75
N SER C 44 -5.70 30.60 -41.28
CA SER C 44 -6.33 30.90 -42.56
C SER C 44 -7.08 32.25 -42.55
N GLY C 45 -7.45 32.74 -41.38
CA GLY C 45 -8.34 33.88 -41.28
C GLY C 45 -9.76 33.47 -40.96
N ALA C 46 -10.00 32.16 -40.83
CA ALA C 46 -11.35 31.64 -40.54
C ALA C 46 -11.76 31.88 -39.08
N THR C 47 -12.92 32.46 -38.87
CA THR C 47 -13.52 32.57 -37.55
C THR C 47 -14.81 31.75 -37.51
N PHE C 48 -14.98 30.94 -36.47
CA PHE C 48 -16.20 30.15 -36.28
C PHE C 48 -16.74 30.26 -34.86
N GLN C 49 -18.03 30.00 -34.71
CA GLN C 49 -18.68 30.00 -33.40
C GLN C 49 -19.42 28.71 -33.18
N VAL C 50 -19.54 28.32 -31.92
CA VAL C 50 -20.64 27.47 -31.50
C VAL C 50 -21.70 28.46 -31.03
N GLU C 51 -22.90 28.39 -31.61
CA GLU C 51 -23.90 29.39 -31.30
C GLU C 51 -24.38 29.27 -29.84
N VAL C 52 -24.87 30.40 -29.34
CA VAL C 52 -25.59 30.46 -28.10
C VAL C 52 -26.84 29.59 -28.26
N PRO C 53 -27.14 28.74 -27.28
CA PRO C 53 -28.39 27.96 -27.30
C PRO C 53 -29.65 28.81 -27.20
N GLY C 54 -30.60 28.58 -28.11
CA GLY C 54 -31.77 29.44 -28.26
C GLY C 54 -32.95 28.75 -28.94
N SER C 55 -33.91 29.55 -29.41
CA SER C 55 -35.16 29.04 -29.99
C SER C 55 -34.96 28.32 -31.35
N GLN C 56 -33.89 28.65 -32.07
CA GLN C 56 -33.55 27.94 -33.31
C GLN C 56 -33.08 26.49 -33.07
N HIS C 57 -32.71 26.18 -31.83
CA HIS C 57 -32.18 24.86 -31.45
C HIS C 57 -33.27 23.99 -30.82
N ILE C 58 -33.31 22.71 -31.20
CA ILE C 58 -34.20 21.73 -30.54
C ILE C 58 -33.60 21.13 -29.24
N ASP C 59 -34.45 20.57 -28.37
CA ASP C 59 -33.99 20.04 -27.07
C ASP C 59 -32.77 19.11 -27.15
N SER C 60 -32.72 18.23 -28.15
CA SER C 60 -31.62 17.26 -28.29
C SER C 60 -30.25 17.90 -28.59
N GLN C 61 -30.29 19.08 -29.18
CA GLN C 61 -29.06 19.81 -29.52
C GLN C 61 -28.35 20.45 -28.32
N LYS C 62 -29.08 20.69 -27.24
CA LYS C 62 -28.52 21.36 -26.07
C LYS C 62 -27.32 20.62 -25.48
N LYS C 63 -27.43 19.31 -25.30
CA LYS C 63 -26.29 18.58 -24.77
C LYS C 63 -25.16 18.51 -25.82
N ALA C 64 -25.54 18.45 -27.09
CA ALA C 64 -24.58 18.44 -28.18
C ALA C 64 -23.76 19.76 -28.31
N ILE C 65 -24.43 20.89 -28.08
CA ILE C 65 -23.75 22.18 -28.05
C ILE C 65 -22.66 22.17 -26.99
N GLU C 66 -23.02 21.72 -25.78
CA GLU C 66 -22.07 21.59 -24.67
C GLU C 66 -20.94 20.65 -25.03
N ARG C 67 -21.25 19.57 -25.74
CA ARG C 67 -20.22 18.63 -26.15
C ARG C 67 -19.28 19.29 -27.13
N MET C 68 -19.82 20.01 -28.11
CA MET C 68 -18.99 20.61 -29.15
C MET C 68 -18.01 21.64 -28.57
N LYS C 69 -18.47 22.40 -27.58
CA LYS C 69 -17.60 23.32 -26.85
C LYS C 69 -16.53 22.57 -26.06
N ASP C 70 -16.87 21.40 -25.50
CA ASP C 70 -15.87 20.53 -24.86
C ASP C 70 -14.79 20.15 -25.86
N THR C 71 -15.23 19.73 -27.05
CA THR C 71 -14.31 19.17 -28.02
C THR C 71 -13.36 20.26 -28.46
N LEU C 72 -13.91 21.45 -28.69
CA LEU C 72 -13.06 22.52 -29.21
C LEU C 72 -12.01 22.93 -28.18
N ARG C 73 -12.39 22.93 -26.91
CA ARG C 73 -11.43 23.27 -25.88
C ARG C 73 -10.31 22.25 -25.82
N ILE C 74 -10.66 20.97 -25.74
CA ILE C 74 -9.64 19.93 -25.62
C ILE C 74 -8.80 19.86 -26.89
N THR C 75 -9.46 20.02 -28.04
CA THR C 75 -8.78 20.14 -29.33
C THR C 75 -7.78 21.29 -29.36
N TYR C 76 -8.18 22.46 -28.89
CA TYR C 76 -7.26 23.59 -28.80
C TYR C 76 -6.07 23.26 -27.90
N LEU C 77 -6.36 22.78 -26.68
CA LEU C 77 -5.30 22.57 -25.67
C LEU C 77 -4.27 21.53 -26.13
N THR C 78 -4.71 20.51 -26.85
CA THR C 78 -3.85 19.41 -27.30
C THR C 78 -3.19 19.67 -28.66
N GLU C 79 -3.51 20.81 -29.28
CA GLU C 79 -3.00 21.17 -30.61
C GLU C 79 -3.37 20.11 -31.64
N THR C 80 -4.59 19.60 -31.53
CA THR C 80 -5.04 18.56 -32.40
C THR C 80 -5.46 19.17 -33.73
N LYS C 81 -5.04 18.51 -34.80
CA LYS C 81 -5.29 18.97 -36.15
C LYS C 81 -6.73 18.67 -36.51
N ILE C 82 -7.49 19.70 -36.81
CA ILE C 82 -8.85 19.54 -37.32
C ILE C 82 -8.78 19.28 -38.82
N ASP C 83 -9.53 18.31 -39.30
CA ASP C 83 -9.59 18.01 -40.72
C ASP C 83 -10.62 18.91 -41.40
N LYS C 84 -11.90 18.69 -41.10
CA LYS C 84 -12.98 19.49 -41.67
C LYS C 84 -13.89 20.08 -40.60
N LEU C 85 -14.50 21.23 -40.91
CA LEU C 85 -15.61 21.75 -40.13
C LEU C 85 -16.83 21.82 -41.04
N CYS C 86 -17.98 21.33 -40.58
CA CYS C 86 -19.25 21.55 -41.28
C CYS C 86 -19.93 22.72 -40.60
N VAL C 87 -20.15 23.80 -41.33
CA VAL C 87 -20.65 25.02 -40.73
C VAL C 87 -21.91 25.51 -41.40
N TRP C 88 -22.77 26.18 -40.63
CA TRP C 88 -23.89 26.90 -41.19
C TRP C 88 -23.36 28.26 -41.58
N ASN C 89 -23.54 28.64 -42.85
CA ASN C 89 -22.99 29.91 -43.35
C ASN C 89 -24.07 30.99 -43.52
N ASN C 90 -25.21 30.78 -42.86
CA ASN C 90 -26.19 31.85 -42.70
C ASN C 90 -26.03 32.55 -41.35
N LYS C 91 -24.89 32.34 -40.70
CA LYS C 91 -24.53 33.03 -39.46
C LYS C 91 -23.15 33.68 -39.60
N THR C 92 -22.94 34.71 -38.78
CA THR C 92 -21.65 35.38 -38.67
C THR C 92 -21.29 35.42 -37.21
N PRO C 93 -20.19 34.75 -36.83
CA PRO C 93 -19.37 33.95 -37.71
C PRO C 93 -20.14 32.70 -38.06
N ASN C 94 -19.69 31.97 -39.07
CA ASN C 94 -20.30 30.70 -39.39
C ASN C 94 -20.36 29.86 -38.11
N SER C 95 -21.41 29.05 -38.01
CA SER C 95 -21.74 28.28 -36.82
C SER C 95 -21.36 26.83 -37.04
N ILE C 96 -20.64 26.22 -36.10
CA ILE C 96 -20.22 24.83 -36.26
C ILE C 96 -21.39 23.85 -36.11
N ALA C 97 -21.60 23.01 -37.12
CA ALA C 97 -22.57 21.91 -37.05
C ALA C 97 -21.84 20.60 -36.72
N ALA C 98 -20.63 20.46 -37.24
CA ALA C 98 -19.87 19.24 -37.05
C ALA C 98 -18.38 19.49 -37.27
N ILE C 99 -17.59 18.61 -36.69
CA ILE C 99 -16.15 18.70 -36.76
C ILE C 99 -15.61 17.29 -37.03
N SER C 100 -14.46 17.21 -37.70
CA SER C 100 -13.80 15.92 -37.94
C SER C 100 -12.30 16.08 -37.78
N MET C 101 -11.66 15.02 -37.29
CA MET C 101 -10.22 15.03 -37.02
C MET C 101 -9.64 13.73 -37.56
N GLU C 102 -8.47 13.80 -38.21
CA GLU C 102 -7.83 12.61 -38.76
C GLU C 102 -6.38 12.48 -38.30
N LYS C 103 -5.98 11.26 -37.89
CA LYS C 103 -4.67 10.97 -37.33
C LYS C 103 -3.82 10.17 -38.30
N ALA D 1 -23.19 -10.71 -13.59
CA ALA D 1 -23.10 -9.77 -14.74
C ALA D 1 -22.06 -10.33 -15.73
N PRO D 2 -22.11 -9.87 -16.98
CA PRO D 2 -21.14 -10.39 -17.93
C PRO D 2 -19.73 -9.98 -17.51
N GLN D 3 -18.73 -10.76 -17.90
CA GLN D 3 -17.36 -10.50 -17.47
C GLN D 3 -16.42 -10.01 -18.57
N SER D 4 -16.95 -9.87 -19.77
CA SER D 4 -16.17 -9.44 -20.91
C SER D 4 -17.08 -8.91 -22.00
N ILE D 5 -16.50 -8.14 -22.90
CA ILE D 5 -17.22 -7.57 -24.03
C ILE D 5 -17.88 -8.66 -24.87
N THR D 6 -17.23 -9.81 -25.02
CA THR D 6 -17.79 -10.90 -25.81
C THR D 6 -19.02 -11.51 -25.12
N GLU D 7 -18.94 -11.75 -23.81
CA GLU D 7 -20.09 -12.29 -23.08
C GLU D 7 -21.28 -11.31 -23.16
N LEU D 8 -21.00 -10.05 -22.88
CA LEU D 8 -21.99 -9.00 -22.95
C LEU D 8 -22.66 -8.95 -24.32
N CYS D 9 -21.85 -8.97 -25.37
CA CYS D 9 -22.38 -8.95 -26.72
C CYS D 9 -23.35 -10.10 -27.02
N SER D 10 -23.04 -11.28 -26.50
CA SER D 10 -23.85 -12.45 -26.77
C SER D 10 -25.20 -12.44 -26.05
N GLU D 11 -25.41 -11.48 -25.15
CA GLU D 11 -26.70 -11.29 -24.49
C GLU D 11 -27.73 -10.53 -25.34
N TYR D 12 -27.33 -9.99 -26.49
CA TYR D 12 -28.23 -9.14 -27.26
C TYR D 12 -28.43 -9.66 -28.68
N HIS D 13 -29.58 -9.34 -29.25
CA HIS D 13 -29.86 -9.67 -30.65
C HIS D 13 -29.27 -8.61 -31.53
N ASN D 14 -28.99 -8.99 -32.76
CA ASN D 14 -28.48 -8.04 -33.72
C ASN D 14 -27.20 -7.37 -33.26
N THR D 15 -26.32 -8.12 -32.61
CA THR D 15 -25.00 -7.60 -32.29
C THR D 15 -23.91 -8.46 -32.88
N GLN D 16 -22.72 -7.88 -32.97
CA GLN D 16 -21.53 -8.66 -33.25
C GLN D 16 -20.30 -7.96 -32.73
N ILE D 17 -19.22 -8.72 -32.62
CA ILE D 17 -17.97 -8.20 -32.14
C ILE D 17 -17.04 -8.01 -33.31
N TYR D 18 -16.54 -6.79 -33.49
CA TYR D 18 -15.45 -6.53 -34.42
C TYR D 18 -14.16 -6.41 -33.64
N THR D 19 -13.14 -7.10 -34.14
CA THR D 19 -11.82 -7.03 -33.55
C THR D 19 -11.11 -5.91 -34.26
N ILE D 20 -10.82 -4.84 -33.52
CA ILE D 20 -10.30 -3.63 -34.11
C ILE D 20 -8.79 -3.69 -34.00
N ASN D 21 -8.32 -3.95 -32.80
CA ASN D 21 -6.91 -3.99 -32.53
C ASN D 21 -6.15 -2.86 -33.23
N ASP D 22 -6.61 -1.63 -33.02
CA ASP D 22 -5.99 -0.47 -33.66
C ASP D 22 -6.54 0.82 -33.05
N LYS D 23 -5.82 1.92 -33.23
CA LYS D 23 -6.33 3.23 -32.84
C LYS D 23 -7.37 3.74 -33.83
N ILE D 24 -8.13 4.74 -33.41
CA ILE D 24 -9.13 5.38 -34.25
C ILE D 24 -8.44 6.23 -35.30
N LEU D 25 -8.86 6.06 -36.55
CA LEU D 25 -8.30 6.82 -37.66
C LEU D 25 -8.89 8.22 -37.72
N SER D 26 -10.21 8.30 -37.68
CA SER D 26 -10.87 9.60 -37.69
C SER D 26 -12.01 9.67 -36.70
N TYR D 27 -12.20 10.86 -36.15
CA TYR D 27 -13.29 11.15 -35.22
C TYR D 27 -14.11 12.32 -35.78
N THR D 28 -15.40 12.09 -35.92
CA THR D 28 -16.33 13.10 -36.39
C THR D 28 -17.43 13.18 -35.36
N GLU D 29 -17.81 14.42 -35.03
CA GLU D 29 -18.83 14.72 -34.02
C GLU D 29 -19.75 15.79 -34.57
N SER D 30 -21.06 15.57 -34.47
CA SER D 30 -22.03 16.52 -34.96
C SER D 30 -22.99 16.94 -33.87
N MET D 31 -23.35 18.22 -33.90
CA MET D 31 -24.41 18.76 -33.08
C MET D 31 -25.54 19.23 -33.98
N ALA D 32 -25.54 18.85 -35.25
CA ALA D 32 -26.66 19.20 -36.11
C ALA D 32 -27.95 18.56 -35.61
N GLY D 33 -29.07 19.26 -35.81
CA GLY D 33 -30.38 18.80 -35.36
C GLY D 33 -30.74 17.43 -35.91
N LYS D 34 -31.02 16.50 -34.99
CA LYS D 34 -31.33 15.12 -35.33
C LYS D 34 -30.14 14.36 -35.90
N ARG D 35 -28.94 14.91 -35.80
CA ARG D 35 -27.71 14.20 -36.14
C ARG D 35 -26.69 14.43 -35.05
N GLU D 36 -27.16 14.35 -33.80
CA GLU D 36 -26.31 14.58 -32.67
C GLU D 36 -25.63 13.25 -32.43
N MET D 37 -24.51 13.05 -33.12
CA MET D 37 -23.88 11.76 -33.17
C MET D 37 -22.37 11.84 -33.26
N VAL D 38 -21.73 10.71 -33.01
CA VAL D 38 -20.33 10.57 -33.23
C VAL D 38 -20.15 9.52 -34.29
N ILE D 39 -19.22 9.77 -35.20
CA ILE D 39 -18.79 8.79 -36.19
C ILE D 39 -17.30 8.54 -36.01
N ILE D 40 -16.91 7.27 -35.95
CA ILE D 40 -15.51 6.93 -35.97
C ILE D 40 -15.20 5.96 -37.08
N THR D 41 -13.93 5.96 -37.42
CA THR D 41 -13.46 5.31 -38.61
C THR D 41 -12.15 4.63 -38.30
N PHE D 42 -11.85 3.55 -39.03
CA PHE D 42 -10.55 2.87 -38.89
C PHE D 42 -9.88 2.68 -40.23
N LYS D 43 -8.57 2.42 -40.20
CA LYS D 43 -7.80 2.10 -41.39
C LYS D 43 -8.42 0.95 -42.14
N SER D 44 -8.93 -0.03 -41.41
CA SER D 44 -9.57 -1.21 -42.02
C SER D 44 -10.65 -0.84 -43.03
N GLY D 45 -11.20 0.36 -42.89
CA GLY D 45 -12.36 0.81 -43.64
C GLY D 45 -13.66 0.77 -42.82
N ALA D 46 -13.57 0.28 -41.58
CA ALA D 46 -14.78 0.17 -40.74
C ALA D 46 -15.23 1.56 -40.31
N THR D 47 -16.54 1.72 -40.23
CA THR D 47 -17.16 2.96 -39.81
C THR D 47 -18.22 2.65 -38.79
N PHE D 48 -18.21 3.42 -37.70
CA PHE D 48 -19.12 3.17 -36.59
C PHE D 48 -19.68 4.48 -36.12
N GLN D 49 -20.87 4.43 -35.52
CA GLN D 49 -21.43 5.60 -34.87
C GLN D 49 -21.65 5.34 -33.38
N VAL D 50 -21.71 6.42 -32.60
CA VAL D 50 -22.62 6.49 -31.47
C VAL D 50 -23.91 7.22 -31.83
N GLU D 51 -25.02 6.49 -31.83
CA GLU D 51 -26.19 6.89 -32.59
C GLU D 51 -27.07 7.85 -31.79
N VAL D 52 -27.87 8.64 -32.50
CA VAL D 52 -28.66 9.67 -31.86
C VAL D 52 -29.56 8.99 -30.83
N PRO D 53 -29.70 9.58 -29.64
CA PRO D 53 -30.64 9.08 -28.62
C PRO D 53 -32.10 8.85 -29.06
N GLY D 54 -32.65 7.70 -28.69
CA GLY D 54 -34.06 7.38 -28.93
C GLY D 54 -34.94 8.10 -27.94
N ILE D 58 -33.77 4.19 -22.46
CA ILE D 58 -33.97 4.27 -21.01
C ILE D 58 -33.19 5.46 -20.44
N ASP D 59 -33.54 5.88 -19.23
CA ASP D 59 -32.88 7.02 -18.56
C ASP D 59 -31.42 6.69 -18.22
N SER D 60 -31.17 5.41 -18.00
CA SER D 60 -29.81 4.89 -17.77
C SER D 60 -28.97 4.99 -19.05
N GLN D 61 -29.61 4.77 -20.19
CA GLN D 61 -28.91 4.82 -21.47
C GLN D 61 -28.49 6.21 -21.91
N LYS D 62 -29.29 7.22 -21.57
CA LYS D 62 -28.93 8.58 -21.95
C LYS D 62 -27.56 8.98 -21.38
N LYS D 63 -27.34 8.76 -20.08
CA LYS D 63 -26.02 8.99 -19.49
C LYS D 63 -24.90 8.16 -20.14
N ALA D 64 -25.23 6.95 -20.56
CA ALA D 64 -24.27 6.01 -21.15
C ALA D 64 -23.86 6.43 -22.56
N ILE D 65 -24.83 6.89 -23.37
CA ILE D 65 -24.55 7.38 -24.72
C ILE D 65 -23.54 8.51 -24.63
N GLU D 66 -23.75 9.39 -23.66
CA GLU D 66 -22.87 10.53 -23.51
C GLU D 66 -21.47 10.11 -23.09
N ARG D 67 -21.38 9.16 -22.15
CA ARG D 67 -20.10 8.60 -21.72
C ARG D 67 -19.34 7.95 -22.88
N MET D 68 -20.03 7.12 -23.65
CA MET D 68 -19.43 6.49 -24.81
C MET D 68 -18.81 7.53 -25.78
N LYS D 69 -19.50 8.62 -26.02
CA LYS D 69 -18.98 9.68 -26.87
C LYS D 69 -17.74 10.34 -26.22
N ASP D 70 -17.82 10.64 -24.93
CA ASP D 70 -16.66 11.10 -24.19
C ASP D 70 -15.50 10.13 -24.36
N THR D 71 -15.77 8.84 -24.16
CA THR D 71 -14.73 7.82 -24.27
C THR D 71 -14.10 7.77 -25.66
N LEU D 72 -14.92 7.78 -26.71
CA LEU D 72 -14.37 7.79 -28.07
C LEU D 72 -13.48 9.00 -28.31
N ARG D 73 -13.92 10.17 -27.83
CA ARG D 73 -13.16 11.39 -28.05
C ARG D 73 -11.73 11.27 -27.49
N ILE D 74 -11.63 10.96 -26.21
CA ILE D 74 -10.35 10.88 -25.53
C ILE D 74 -9.52 9.67 -26.01
N THR D 75 -10.21 8.60 -26.41
CA THR D 75 -9.53 7.48 -27.03
C THR D 75 -8.86 7.93 -28.32
N TYR D 76 -9.58 8.71 -29.14
CA TYR D 76 -9.01 9.25 -30.36
C TYR D 76 -7.86 10.20 -30.11
N LEU D 77 -7.98 11.12 -29.14
CA LEU D 77 -6.94 12.13 -28.89
C LEU D 77 -5.67 11.53 -28.28
N THR D 78 -5.80 10.43 -27.56
CA THR D 78 -4.65 9.77 -26.94
C THR D 78 -4.06 8.65 -27.78
N GLU D 79 -4.66 8.36 -28.93
CA GLU D 79 -4.18 7.29 -29.81
C GLU D 79 -4.17 5.95 -29.11
N THR D 80 -5.23 5.71 -28.35
CA THR D 80 -5.38 4.52 -27.55
C THR D 80 -5.96 3.41 -28.43
N LYS D 81 -5.27 2.28 -28.41
CA LYS D 81 -5.63 1.10 -29.18
C LYS D 81 -6.94 0.51 -28.65
N ILE D 82 -7.92 0.40 -29.54
CA ILE D 82 -9.17 -0.27 -29.21
C ILE D 82 -9.00 -1.75 -29.50
N ASP D 83 -9.32 -2.59 -28.52
CA ASP D 83 -9.30 -4.03 -28.72
C ASP D 83 -10.55 -4.41 -29.52
N LYS D 84 -11.72 -4.38 -28.90
CA LYS D 84 -12.94 -4.78 -29.58
C LYS D 84 -14.04 -3.76 -29.46
N LEU D 85 -14.96 -3.82 -30.42
CA LEU D 85 -16.20 -3.07 -30.38
C LEU D 85 -17.31 -4.06 -30.46
N CYS D 86 -18.34 -3.83 -29.65
CA CYS D 86 -19.57 -4.59 -29.75
C CYS D 86 -20.55 -3.64 -30.45
N VAL D 87 -21.17 -4.12 -31.51
CA VAL D 87 -21.95 -3.23 -32.35
C VAL D 87 -23.27 -3.85 -32.77
N TRP D 88 -24.27 -2.99 -32.92
CA TRP D 88 -25.54 -3.39 -33.50
C TRP D 88 -25.38 -3.32 -35.02
N ASN D 89 -25.64 -4.44 -35.70
CA ASN D 89 -25.48 -4.52 -37.17
C ASN D 89 -26.81 -4.36 -37.90
N ASN D 90 -27.79 -3.78 -37.22
CA ASN D 90 -29.08 -3.42 -37.81
C ASN D 90 -29.14 -1.88 -37.98
N LYS D 91 -27.96 -1.27 -38.08
CA LYS D 91 -27.85 0.15 -38.35
C LYS D 91 -26.70 0.37 -39.32
N THR D 92 -26.81 1.47 -40.08
CA THR D 92 -25.79 1.97 -41.00
C THR D 92 -25.47 3.40 -40.61
N PRO D 93 -24.23 3.66 -40.18
CA PRO D 93 -23.21 2.64 -39.93
C PRO D 93 -23.55 1.87 -38.65
N ASN D 94 -22.82 0.79 -38.40
CA ASN D 94 -23.05 0.00 -37.19
C ASN D 94 -22.90 0.85 -35.92
N SER D 95 -23.79 0.58 -34.96
CA SER D 95 -23.91 1.41 -33.77
C SER D 95 -23.26 0.74 -32.58
N ILE D 96 -22.38 1.49 -31.89
CA ILE D 96 -21.52 0.95 -30.83
C ILE D 96 -22.29 0.71 -29.54
N ALA D 97 -22.28 -0.54 -29.07
CA ALA D 97 -22.89 -0.88 -27.79
C ALA D 97 -21.83 -0.95 -26.71
N ALA D 98 -20.63 -1.39 -27.07
CA ALA D 98 -19.57 -1.51 -26.10
C ALA D 98 -18.23 -1.40 -26.75
N ILE D 99 -17.23 -1.00 -25.95
CA ILE D 99 -15.86 -0.88 -26.41
C ILE D 99 -14.93 -1.46 -25.36
N SER D 100 -13.90 -2.15 -25.79
CA SER D 100 -12.86 -2.62 -24.88
C SER D 100 -11.52 -2.13 -25.37
N MET D 101 -10.64 -1.83 -24.43
CA MET D 101 -9.34 -1.27 -24.72
C MET D 101 -8.32 -2.08 -23.97
N GLU D 102 -7.28 -2.51 -24.68
CA GLU D 102 -6.13 -3.18 -24.11
C GLU D 102 -4.99 -2.99 -25.06
N LYS D 103 -3.78 -2.81 -24.54
CA LYS D 103 -2.58 -2.77 -25.40
C LYS D 103 -2.07 -4.19 -25.68
N ALA E 1 -15.07 10.08 9.68
CA ALA E 1 -15.23 9.17 8.52
C ALA E 1 -14.01 8.27 8.44
N PRO E 2 -14.02 7.27 7.56
CA PRO E 2 -12.82 6.44 7.40
C PRO E 2 -11.65 7.29 6.95
N GLN E 3 -10.44 6.87 7.30
CA GLN E 3 -9.24 7.61 6.90
C GLN E 3 -8.40 6.85 5.87
N SER E 4 -8.88 5.69 5.46
CA SER E 4 -8.22 4.91 4.43
C SER E 4 -9.20 3.93 3.81
N ILE E 5 -8.80 3.33 2.68
CA ILE E 5 -9.65 2.40 1.92
C ILE E 5 -9.97 1.13 2.70
N THR E 6 -9.02 0.75 3.53
CA THR E 6 -9.06 -0.43 4.34
C THR E 6 -10.06 -0.24 5.48
N GLU E 7 -10.03 0.94 6.10
CA GLU E 7 -11.00 1.31 7.14
C GLU E 7 -12.42 1.42 6.58
N LEU E 8 -12.52 2.04 5.41
CA LEU E 8 -13.81 2.21 4.75
C LEU E 8 -14.39 0.86 4.41
N CYS E 9 -13.56 -0.01 3.84
CA CYS E 9 -14.00 -1.34 3.45
C CYS E 9 -14.50 -2.15 4.64
N SER E 10 -13.86 -1.96 5.79
CA SER E 10 -14.17 -2.70 7.00
C SER E 10 -15.57 -2.41 7.56
N GLU E 11 -16.13 -1.28 7.17
CA GLU E 11 -17.48 -0.90 7.62
C GLU E 11 -18.60 -1.71 6.96
N TYR E 12 -18.26 -2.50 5.95
CA TYR E 12 -19.24 -3.15 5.13
C TYR E 12 -19.16 -4.65 5.19
N HIS E 13 -20.33 -5.26 4.99
CA HIS E 13 -20.48 -6.69 4.84
C HIS E 13 -20.31 -7.09 3.35
N ASN E 14 -19.83 -8.32 3.13
CA ASN E 14 -19.59 -8.84 1.79
C ASN E 14 -18.59 -8.02 0.98
N THR E 15 -17.56 -7.52 1.65
CA THR E 15 -16.52 -6.78 0.97
C THR E 15 -15.18 -7.41 1.21
N GLN E 16 -14.28 -7.21 0.26
CA GLN E 16 -12.90 -7.48 0.52
C GLN E 16 -12.02 -6.50 -0.20
N ILE E 17 -10.81 -6.35 0.34
CA ILE E 17 -9.78 -5.54 -0.26
C ILE E 17 -8.99 -6.43 -1.21
N TYR E 18 -8.80 -5.96 -2.43
CA TYR E 18 -7.79 -6.52 -3.32
C TYR E 18 -6.60 -5.59 -3.38
N THR E 19 -5.41 -6.15 -3.27
CA THR E 19 -4.21 -5.40 -3.51
C THR E 19 -3.86 -5.56 -4.97
N ILE E 20 -3.88 -4.46 -5.71
CA ILE E 20 -3.64 -4.50 -7.14
C ILE E 20 -2.17 -4.21 -7.40
N ASN E 21 -1.73 -3.04 -6.94
CA ASN E 21 -0.35 -2.58 -7.10
C ASN E 21 0.09 -2.64 -8.57
N ASP E 22 -0.79 -2.19 -9.46
CA ASP E 22 -0.60 -2.37 -10.89
C ASP E 22 -1.49 -1.41 -11.66
N LYS E 23 -1.18 -1.21 -12.94
CA LYS E 23 -2.10 -0.51 -13.81
C LYS E 23 -3.19 -1.45 -14.32
N ILE E 24 -4.29 -0.88 -14.79
CA ILE E 24 -5.39 -1.66 -15.39
C ILE E 24 -4.99 -2.20 -16.76
N LEU E 25 -5.23 -3.51 -16.97
CA LEU E 25 -4.89 -4.19 -18.21
C LEU E 25 -5.87 -3.86 -19.32
N SER E 26 -7.17 -3.97 -19.00
CA SER E 26 -8.19 -3.64 -19.98
C SER E 26 -9.32 -2.88 -19.35
N TYR E 27 -9.90 -1.98 -20.13
CA TYR E 27 -11.08 -1.23 -19.79
C TYR E 27 -12.16 -1.59 -20.80
N THR E 28 -13.33 -1.97 -20.29
CA THR E 28 -14.50 -2.24 -21.10
C THR E 28 -15.65 -1.38 -20.60
N GLU E 29 -16.36 -0.77 -21.54
CA GLU E 29 -17.46 0.12 -21.23
C GLU E 29 -18.62 -0.25 -22.13
N SER E 30 -19.81 -0.35 -21.54
CA SER E 30 -21.00 -0.68 -22.30
C SER E 30 -22.09 0.39 -22.08
N MET E 31 -22.79 0.72 -23.16
CA MET E 31 -24.00 1.54 -23.12
C MET E 31 -25.21 0.69 -23.57
N ALA E 32 -25.05 -0.63 -23.61
CA ALA E 32 -26.14 -1.51 -23.96
C ALA E 32 -27.17 -1.53 -22.84
N GLY E 33 -28.45 -1.52 -23.22
CA GLY E 33 -29.58 -1.48 -22.29
C GLY E 33 -29.55 -2.55 -21.22
N LYS E 34 -29.73 -2.12 -19.96
CA LYS E 34 -29.61 -3.00 -18.77
C LYS E 34 -28.17 -3.40 -18.44
N ARG E 35 -27.18 -3.03 -19.27
CA ARG E 35 -25.76 -3.30 -18.98
C ARG E 35 -24.92 -2.03 -19.12
N GLU E 36 -25.41 -0.94 -18.56
CA GLU E 36 -24.69 0.31 -18.57
C GLU E 36 -23.63 0.21 -17.48
N MET E 37 -22.45 -0.29 -17.85
CA MET E 37 -21.46 -0.71 -16.85
C MET E 37 -20.07 -0.62 -17.43
N VAL E 38 -19.09 -0.58 -16.56
CA VAL E 38 -17.72 -0.68 -16.95
C VAL E 38 -17.18 -1.99 -16.38
N ILE E 39 -16.22 -2.57 -17.10
CA ILE E 39 -15.53 -3.76 -16.65
C ILE E 39 -14.05 -3.51 -16.78
N ILE E 40 -13.31 -3.69 -15.69
CA ILE E 40 -11.86 -3.62 -15.74
C ILE E 40 -11.23 -4.96 -15.43
N THR E 41 -9.99 -5.10 -15.88
CA THR E 41 -9.27 -6.35 -15.82
C THR E 41 -7.79 -6.08 -15.49
N PHE E 42 -7.17 -7.06 -14.82
CA PHE E 42 -5.74 -6.98 -14.50
C PHE E 42 -5.02 -8.26 -14.91
N LYS E 43 -3.71 -8.17 -15.07
CA LYS E 43 -2.95 -9.31 -15.54
C LYS E 43 -2.81 -10.40 -14.49
N SER E 44 -3.07 -10.06 -13.22
CA SER E 44 -3.29 -11.04 -12.17
C SER E 44 -4.38 -12.06 -12.53
N GLY E 45 -5.31 -11.66 -13.40
CA GLY E 45 -6.50 -12.46 -13.72
C GLY E 45 -7.78 -11.93 -13.09
N ALA E 46 -7.68 -10.82 -12.36
CA ALA E 46 -8.83 -10.28 -11.65
C ALA E 46 -9.72 -9.50 -12.60
N THR E 47 -11.03 -9.63 -12.43
CA THR E 47 -12.00 -8.86 -13.20
C THR E 47 -12.99 -8.18 -12.25
N PHE E 48 -13.25 -6.91 -12.50
CA PHE E 48 -14.18 -6.13 -11.68
C PHE E 48 -15.10 -5.30 -12.56
N GLN E 49 -16.30 -5.02 -12.07
CA GLN E 49 -17.18 -4.05 -12.70
C GLN E 49 -17.35 -2.81 -11.83
N VAL E 50 -17.76 -1.70 -12.45
CA VAL E 50 -18.69 -0.78 -11.83
C VAL E 50 -20.11 -0.99 -12.36
N GLU E 51 -21.04 -1.25 -11.44
CA GLU E 51 -22.21 -2.05 -11.76
C GLU E 51 -23.40 -1.17 -12.15
N VAL E 52 -24.35 -1.74 -12.87
CA VAL E 52 -25.43 -0.98 -13.45
C VAL E 52 -26.21 -0.30 -12.34
N PRO E 53 -26.48 1.00 -12.47
CA PRO E 53 -27.27 1.64 -11.41
C PRO E 53 -28.65 1.00 -11.24
N GLY E 54 -29.04 0.76 -9.99
CA GLY E 54 -30.38 0.24 -9.65
C GLY E 54 -30.75 0.55 -8.19
N SER E 55 -31.72 -0.19 -7.64
CA SER E 55 -32.26 0.09 -6.30
C SER E 55 -31.25 -0.22 -5.17
N SER E 60 -27.47 9.72 -3.99
CA SER E 60 -26.07 10.05 -3.73
C SER E 60 -25.09 9.08 -4.40
N GLN E 61 -25.49 7.81 -4.47
CA GLN E 61 -24.67 6.79 -5.11
C GLN E 61 -24.65 6.87 -6.63
N LYS E 62 -25.68 7.49 -7.22
CA LYS E 62 -25.76 7.58 -8.68
C LYS E 62 -24.63 8.43 -9.27
N LYS E 63 -24.38 9.60 -8.68
CA LYS E 63 -23.25 10.41 -9.14
C LYS E 63 -21.91 9.70 -8.86
N ALA E 64 -21.85 8.92 -7.78
CA ALA E 64 -20.63 8.21 -7.40
C ALA E 64 -20.26 7.08 -8.35
N ILE E 65 -21.26 6.32 -8.81
CA ILE E 65 -21.06 5.32 -9.86
C ILE E 65 -20.45 5.98 -11.10
N GLU E 66 -21.06 7.08 -11.54
CA GLU E 66 -20.53 7.85 -12.67
C GLU E 66 -19.08 8.32 -12.42
N ARG E 67 -18.80 8.82 -11.23
CA ARG E 67 -17.45 9.26 -10.92
C ARG E 67 -16.48 8.09 -10.95
N MET E 68 -16.88 6.93 -10.43
CA MET E 68 -15.99 5.77 -10.44
C MET E 68 -15.63 5.36 -11.87
N LYS E 69 -16.61 5.38 -12.74
CA LYS E 69 -16.40 5.00 -14.13
C LYS E 69 -15.45 6.01 -14.77
N ASP E 70 -15.65 7.28 -14.44
CA ASP E 70 -14.77 8.34 -14.92
C ASP E 70 -13.34 8.05 -14.49
N THR E 71 -13.20 7.75 -13.20
CA THR E 71 -11.90 7.56 -12.59
C THR E 71 -11.18 6.36 -13.20
N LEU E 72 -11.91 5.26 -13.37
CA LEU E 72 -11.32 4.07 -13.96
C LEU E 72 -10.85 4.31 -15.40
N ARG E 73 -11.62 5.08 -16.17
CA ARG E 73 -11.23 5.38 -17.56
C ARG E 73 -9.93 6.17 -17.64
N ILE E 74 -9.85 7.27 -16.89
CA ILE E 74 -8.66 8.12 -16.93
C ILE E 74 -7.46 7.39 -16.30
N THR E 75 -7.74 6.51 -15.34
CA THR E 75 -6.73 5.69 -14.72
C THR E 75 -6.15 4.72 -15.72
N TYR E 76 -7.02 4.06 -16.47
CA TYR E 76 -6.56 3.19 -17.55
C TYR E 76 -5.70 3.95 -18.56
N LEU E 77 -6.19 5.09 -19.04
CA LEU E 77 -5.57 5.77 -20.17
C LEU E 77 -4.22 6.34 -19.81
N THR E 78 -4.09 6.84 -18.60
CA THR E 78 -2.84 7.35 -18.08
C THR E 78 -1.96 6.26 -17.47
N GLU E 79 -2.41 5.00 -17.54
CA GLU E 79 -1.68 3.86 -16.97
C GLU E 79 -1.27 4.09 -15.52
N THR E 80 -2.15 4.73 -14.76
CA THR E 80 -1.89 5.00 -13.37
C THR E 80 -1.99 3.71 -12.55
N LYS E 81 -1.01 3.55 -11.67
CA LYS E 81 -0.89 2.38 -10.79
C LYS E 81 -1.94 2.43 -9.69
N ILE E 82 -2.89 1.50 -9.70
CA ILE E 82 -3.86 1.35 -8.63
C ILE E 82 -3.24 0.61 -7.45
N ASP E 83 -3.54 1.06 -6.23
CA ASP E 83 -3.01 0.44 -5.01
C ASP E 83 -3.94 -0.68 -4.55
N LYS E 84 -5.14 -0.32 -4.10
CA LYS E 84 -6.11 -1.27 -3.64
C LYS E 84 -7.48 -0.96 -4.20
N LEU E 85 -8.30 -2.00 -4.30
CA LEU E 85 -9.70 -1.84 -4.57
C LEU E 85 -10.42 -2.42 -3.39
N CYS E 86 -11.50 -1.77 -2.99
CA CYS E 86 -12.46 -2.34 -2.07
C CYS E 86 -13.65 -2.76 -2.91
N VAL E 87 -14.02 -4.04 -2.83
CA VAL E 87 -15.02 -4.58 -3.71
C VAL E 87 -16.04 -5.41 -2.93
N TRP E 88 -17.26 -5.47 -3.48
CA TRP E 88 -18.31 -6.37 -3.01
C TRP E 88 -18.14 -7.71 -3.69
N ASN E 89 -18.11 -8.77 -2.90
CA ASN E 89 -17.82 -10.11 -3.39
C ASN E 89 -19.03 -11.03 -3.40
N ASN E 90 -20.17 -10.44 -3.22
CA ASN E 90 -21.42 -11.08 -3.43
C ASN E 90 -21.92 -10.85 -4.85
N LYS E 91 -21.12 -10.25 -5.69
CA LYS E 91 -21.47 -10.09 -7.07
C LYS E 91 -20.37 -10.67 -7.92
N THR E 92 -20.68 -11.06 -9.13
CA THR E 92 -19.69 -11.52 -10.10
C THR E 92 -19.85 -10.74 -11.41
N PRO E 93 -18.81 -10.12 -11.93
CA PRO E 93 -17.59 -9.94 -11.20
C PRO E 93 -17.84 -9.06 -9.98
N ASN E 94 -16.88 -9.06 -9.07
CA ASN E 94 -16.94 -8.23 -7.88
C ASN E 94 -17.11 -6.79 -8.29
N SER E 95 -17.97 -6.09 -7.55
CA SER E 95 -18.34 -4.72 -7.84
C SER E 95 -17.47 -3.79 -7.04
N ILE E 96 -16.95 -2.74 -7.68
CA ILE E 96 -16.06 -1.80 -6.98
C ILE E 96 -16.85 -0.85 -6.06
N ALA E 97 -16.39 -0.77 -4.81
CA ALA E 97 -16.95 0.14 -3.83
C ALA E 97 -15.97 1.32 -3.65
N ALA E 98 -14.68 1.02 -3.68
CA ALA E 98 -13.68 2.08 -3.55
C ALA E 98 -12.36 1.71 -4.19
N ILE E 99 -11.60 2.74 -4.52
CA ILE E 99 -10.30 2.60 -5.17
C ILE E 99 -9.33 3.54 -4.47
N SER E 100 -8.07 3.10 -4.41
CA SER E 100 -6.99 3.94 -3.86
C SER E 100 -5.77 3.84 -4.77
N MET E 101 -5.05 4.95 -4.84
CA MET E 101 -3.84 5.08 -5.64
C MET E 101 -2.79 5.77 -4.79
N GLU E 102 -1.54 5.31 -4.90
CA GLU E 102 -0.45 5.95 -4.17
C GLU E 102 0.68 6.34 -5.12
N LYS E 103 1.27 7.50 -4.87
CA LYS E 103 2.39 8.00 -5.66
C LYS E 103 3.63 8.13 -4.77
N ALA F 1 40.83 -11.02 27.28
CA ALA F 1 40.04 -12.13 26.72
C ALA F 1 40.56 -12.52 25.33
N PRO F 2 40.29 -13.76 24.92
CA PRO F 2 40.77 -14.20 23.61
C PRO F 2 40.14 -13.40 22.47
N GLN F 3 40.86 -13.30 21.36
CA GLN F 3 40.45 -12.47 20.23
C GLN F 3 40.27 -13.28 18.96
N SER F 4 40.30 -14.61 19.09
CA SER F 4 40.01 -15.51 17.98
C SER F 4 39.62 -16.86 18.56
N ILE F 5 38.92 -17.65 17.77
CA ILE F 5 38.53 -19.01 18.19
C ILE F 5 39.73 -19.90 18.49
N THR F 6 40.78 -19.79 17.67
CA THR F 6 42.02 -20.54 17.89
C THR F 6 42.65 -20.17 19.22
N GLU F 7 42.70 -18.88 19.50
CA GLU F 7 43.25 -18.38 20.75
C GLU F 7 42.41 -18.84 21.93
N LEU F 8 41.09 -18.78 21.77
CA LEU F 8 40.17 -19.30 22.77
C LEU F 8 40.37 -20.78 23.01
N CYS F 9 40.49 -21.52 21.91
CA CYS F 9 40.63 -22.96 21.96
C CYS F 9 41.88 -23.42 22.72
N SER F 10 42.98 -22.71 22.50
CA SER F 10 44.26 -23.00 23.16
C SER F 10 44.27 -22.63 24.65
N GLU F 11 43.16 -22.07 25.13
CA GLU F 11 42.97 -21.73 26.53
C GLU F 11 42.47 -22.96 27.30
N TYR F 12 42.12 -24.02 26.57
CA TYR F 12 41.49 -25.22 27.16
C TYR F 12 42.25 -26.52 26.87
N HIS F 13 42.09 -27.51 27.74
CA HIS F 13 42.66 -28.85 27.53
C HIS F 13 41.70 -29.71 26.71
N ASN F 14 42.22 -30.76 26.09
CA ASN F 14 41.42 -31.72 25.31
C ASN F 14 40.55 -31.03 24.25
N THR F 15 41.01 -29.87 23.76
CA THR F 15 40.32 -29.16 22.70
C THR F 15 41.16 -29.17 21.45
N GLN F 16 40.54 -28.77 20.36
CA GLN F 16 41.09 -28.96 19.05
C GLN F 16 40.31 -28.08 18.07
N ILE F 17 41.03 -27.43 17.16
CA ILE F 17 40.41 -26.62 16.12
C ILE F 17 40.27 -27.44 14.86
N TYR F 18 39.03 -27.56 14.37
CA TYR F 18 38.79 -28.04 13.03
C TYR F 18 38.57 -26.88 12.12
N THR F 19 39.30 -26.86 11.01
CA THR F 19 38.98 -25.98 9.91
C THR F 19 37.98 -26.74 9.05
N ILE F 20 36.79 -26.16 8.91
CA ILE F 20 35.69 -26.79 8.18
C ILE F 20 35.56 -26.13 6.82
N ASN F 21 35.50 -24.80 6.85
CA ASN F 21 35.38 -24.00 5.64
C ASN F 21 34.36 -24.63 4.70
N ASP F 22 33.14 -24.81 5.20
CA ASP F 22 32.03 -25.42 4.46
C ASP F 22 30.70 -25.22 5.22
N LYS F 23 29.59 -25.30 4.50
CA LYS F 23 28.30 -25.30 5.15
C LYS F 23 28.04 -26.66 5.77
N ILE F 24 27.03 -26.72 6.61
CA ILE F 24 26.67 -27.94 7.33
C ILE F 24 25.91 -28.83 6.35
N LEU F 25 26.25 -30.11 6.33
CA LEU F 25 25.59 -31.08 5.44
C LEU F 25 24.25 -31.51 6.01
N SER F 26 24.26 -31.94 7.27
CA SER F 26 23.00 -32.31 7.92
C SER F 26 22.87 -31.76 9.34
N TYR F 27 21.64 -31.74 9.83
CA TYR F 27 21.32 -31.17 11.13
C TYR F 27 20.34 -32.11 11.77
N THR F 28 20.68 -32.58 12.97
CA THR F 28 19.77 -33.45 13.73
C THR F 28 19.58 -32.88 15.11
N GLU F 29 18.32 -32.90 15.54
CA GLU F 29 17.93 -32.31 16.79
C GLU F 29 17.02 -33.32 17.48
N SER F 30 17.31 -33.59 18.75
CA SER F 30 16.53 -34.53 19.52
C SER F 30 15.99 -33.91 20.79
N MET F 31 14.77 -34.30 21.14
CA MET F 31 14.18 -33.97 22.41
C MET F 31 13.91 -35.23 23.24
N ALA F 32 14.45 -36.37 22.82
CA ALA F 32 14.26 -37.61 23.57
C ALA F 32 14.97 -37.50 24.91
N GLY F 33 14.31 -38.00 25.96
CA GLY F 33 14.77 -37.83 27.33
C GLY F 33 16.19 -38.35 27.52
N LYS F 34 17.03 -37.53 28.12
CA LYS F 34 18.47 -37.81 28.29
C LYS F 34 19.32 -37.64 27.02
N ARG F 35 18.67 -37.43 25.86
CA ARG F 35 19.40 -37.15 24.60
C ARG F 35 18.97 -35.83 23.97
N GLU F 36 18.84 -34.80 24.79
CA GLU F 36 18.41 -33.50 24.30
C GLU F 36 19.63 -32.83 23.70
N MET F 37 19.80 -33.04 22.40
CA MET F 37 21.04 -32.65 21.76
C MET F 37 20.85 -32.33 20.29
N VAL F 38 21.90 -31.73 19.74
CA VAL F 38 21.98 -31.45 18.33
C VAL F 38 23.23 -32.12 17.80
N ILE F 39 23.09 -32.81 16.66
CA ILE F 39 24.23 -33.38 15.96
C ILE F 39 24.34 -32.71 14.60
N ILE F 40 25.53 -32.25 14.26
CA ILE F 40 25.76 -31.71 12.92
C ILE F 40 26.81 -32.51 12.15
N THR F 41 26.62 -32.54 10.84
CA THR F 41 27.42 -33.35 9.93
C THR F 41 27.93 -32.47 8.78
N PHE F 42 29.11 -32.81 8.26
CA PHE F 42 29.69 -32.12 7.11
C PHE F 42 30.01 -33.12 6.03
N LYS F 43 30.12 -32.66 4.78
CA LYS F 43 30.48 -33.56 3.69
C LYS F 43 31.92 -34.08 3.90
N SER F 44 32.72 -33.33 4.67
CA SER F 44 34.06 -33.79 5.07
C SER F 44 34.02 -35.16 5.74
N GLY F 45 32.86 -35.57 6.24
CA GLY F 45 32.73 -36.79 7.05
C GLY F 45 32.75 -36.49 8.54
N ALA F 46 33.12 -35.26 8.92
CA ALA F 46 33.08 -34.80 10.32
C ALA F 46 31.66 -34.80 10.93
N THR F 47 31.55 -35.40 12.12
CA THR F 47 30.32 -35.39 12.91
C THR F 47 30.60 -34.72 14.26
N PHE F 48 29.70 -33.81 14.66
CA PHE F 48 29.86 -33.06 15.90
C PHE F 48 28.55 -33.02 16.66
N GLN F 49 28.64 -32.74 17.96
CA GLN F 49 27.45 -32.48 18.76
C GLN F 49 27.60 -31.18 19.55
N VAL F 50 26.47 -30.52 19.80
CA VAL F 50 26.27 -29.78 21.05
C VAL F 50 25.40 -30.56 22.02
N GLU F 51 25.83 -30.61 23.28
CA GLU F 51 25.80 -31.85 24.05
C GLU F 51 24.87 -31.73 25.26
N VAL F 52 24.21 -32.83 25.60
CA VAL F 52 23.14 -32.79 26.56
C VAL F 52 23.67 -32.09 27.80
N PRO F 53 22.92 -31.10 28.32
CA PRO F 53 23.37 -30.47 29.56
C PRO F 53 23.43 -31.42 30.77
N GLY F 54 24.40 -31.20 31.65
CA GLY F 54 24.60 -32.04 32.83
C GLY F 54 25.76 -31.50 33.66
N SER F 55 26.28 -32.36 34.54
CA SER F 55 27.37 -31.96 35.46
C SER F 55 28.68 -31.55 34.76
N GLN F 56 28.84 -31.89 33.48
CA GLN F 56 29.94 -31.32 32.66
C GLN F 56 29.94 -29.80 32.70
N HIS F 57 28.77 -29.21 32.93
CA HIS F 57 28.56 -27.79 32.67
C HIS F 57 28.26 -26.96 33.92
N ILE F 58 28.98 -25.85 34.05
CA ILE F 58 28.69 -24.83 35.06
C ILE F 58 27.43 -24.06 34.60
N ASP F 59 26.81 -23.31 35.51
CA ASP F 59 25.49 -22.67 35.21
C ASP F 59 25.58 -21.61 34.10
N SER F 60 26.73 -20.96 33.97
CA SER F 60 26.96 -19.94 32.94
C SER F 60 26.78 -20.54 31.55
N GLN F 61 27.06 -21.82 31.44
CA GLN F 61 26.99 -22.51 30.16
C GLN F 61 25.59 -22.90 29.70
N LYS F 62 24.64 -22.95 30.62
CA LYS F 62 23.31 -23.47 30.28
C LYS F 62 22.72 -22.65 29.15
N LYS F 63 22.81 -21.33 29.25
CA LYS F 63 22.28 -20.46 28.22
C LYS F 63 23.13 -20.54 26.94
N ALA F 64 24.45 -20.59 27.09
CA ALA F 64 25.32 -20.65 25.92
C ALA F 64 25.08 -21.92 25.09
N ILE F 65 24.67 -23.00 25.76
CA ILE F 65 24.39 -24.27 25.08
C ILE F 65 23.16 -24.09 24.21
N GLU F 66 22.14 -23.48 24.77
CA GLU F 66 20.92 -23.16 24.00
C GLU F 66 21.25 -22.19 22.85
N ARG F 67 22.12 -21.23 23.12
CA ARG F 67 22.59 -20.32 22.07
C ARG F 67 23.24 -21.10 20.92
N MET F 68 24.19 -21.97 21.25
CA MET F 68 24.93 -22.72 20.23
C MET F 68 23.98 -23.52 19.35
N LYS F 69 23.00 -24.17 19.95
CA LYS F 69 22.04 -24.96 19.18
C LYS F 69 21.22 -24.04 18.27
N ASP F 70 20.91 -22.84 18.75
CA ASP F 70 20.20 -21.86 17.91
C ASP F 70 21.08 -21.52 16.71
N THR F 71 22.34 -21.23 16.98
CA THR F 71 23.29 -20.84 15.93
C THR F 71 23.43 -21.95 14.88
N LEU F 72 23.54 -23.20 15.32
CA LEU F 72 23.69 -24.32 14.38
C LEU F 72 22.46 -24.46 13.48
N ARG F 73 21.27 -24.31 14.05
CA ARG F 73 20.07 -24.45 13.24
C ARG F 73 20.02 -23.38 12.15
N ILE F 74 20.24 -22.13 12.53
CA ILE F 74 20.13 -21.03 11.58
C ILE F 74 21.29 -21.08 10.56
N THR F 75 22.46 -21.51 11.01
CA THR F 75 23.60 -21.70 10.14
C THR F 75 23.28 -22.77 9.10
N TYR F 76 22.63 -23.85 9.54
CA TYR F 76 22.22 -24.89 8.60
C TYR F 76 21.19 -24.39 7.61
N LEU F 77 20.12 -23.77 8.12
CA LEU F 77 19.00 -23.35 7.26
C LEU F 77 19.43 -22.32 6.21
N THR F 78 20.38 -21.45 6.57
CA THR F 78 20.84 -20.41 5.66
C THR F 78 22.03 -20.82 4.81
N GLU F 79 22.46 -22.08 4.91
CA GLU F 79 23.58 -22.60 4.14
C GLU F 79 24.83 -21.77 4.33
N THR F 80 25.04 -21.32 5.56
CA THR F 80 26.16 -20.45 5.88
C THR F 80 27.44 -21.25 6.08
N LYS F 81 28.53 -20.74 5.49
CA LYS F 81 29.82 -21.40 5.57
C LYS F 81 30.41 -21.27 6.98
N ILE F 82 30.64 -22.39 7.65
CA ILE F 82 31.38 -22.38 8.92
C ILE F 82 32.87 -22.35 8.59
N ASP F 83 33.61 -21.50 9.29
CA ASP F 83 35.04 -21.39 9.11
C ASP F 83 35.70 -22.45 9.97
N LYS F 84 35.60 -22.30 11.30
CA LYS F 84 36.19 -23.27 12.24
C LYS F 84 35.23 -23.73 13.34
N LEU F 85 35.57 -24.87 13.95
CA LEU F 85 34.88 -25.41 15.11
C LEU F 85 35.95 -25.77 16.12
N CYS F 86 35.83 -25.19 17.32
CA CYS F 86 36.65 -25.59 18.44
C CYS F 86 35.85 -26.63 19.17
N VAL F 87 36.47 -27.78 19.41
CA VAL F 87 35.71 -28.93 19.92
C VAL F 87 36.51 -29.71 20.94
N TRP F 88 35.78 -30.47 21.75
CA TRP F 88 36.39 -31.34 22.72
C TRP F 88 36.55 -32.70 22.08
N ASN F 89 37.79 -33.15 21.93
CA ASN F 89 38.05 -34.42 21.24
C ASN F 89 37.97 -35.65 22.13
N ASN F 90 37.70 -35.46 23.42
CA ASN F 90 37.54 -36.59 24.35
C ASN F 90 36.11 -37.19 24.42
N LYS F 91 35.16 -36.61 23.70
CA LYS F 91 33.78 -37.17 23.62
C LYS F 91 33.52 -37.66 22.20
N THR F 92 32.53 -38.54 22.05
CA THR F 92 32.18 -39.06 20.74
C THR F 92 30.67 -38.90 20.47
N PRO F 93 30.34 -38.18 19.40
CA PRO F 93 31.25 -37.46 18.52
C PRO F 93 31.79 -36.24 19.25
N ASN F 94 32.78 -35.58 18.67
CA ASN F 94 33.39 -34.44 19.35
C ASN F 94 32.34 -33.37 19.68
N SER F 95 32.55 -32.71 20.81
CA SER F 95 31.57 -31.81 21.38
C SER F 95 31.99 -30.39 21.03
N ILE F 96 31.04 -29.60 20.53
CA ILE F 96 31.34 -28.25 20.07
C ILE F 96 31.57 -27.30 21.24
N ALA F 97 32.71 -26.60 21.23
CA ALA F 97 33.01 -25.60 22.29
C ALA F 97 32.84 -24.18 21.78
N ALA F 98 33.33 -23.94 20.57
CA ALA F 98 33.11 -22.67 19.91
C ALA F 98 33.01 -22.86 18.38
N ILE F 99 32.53 -21.82 17.71
CA ILE F 99 32.27 -21.86 16.28
C ILE F 99 32.61 -20.51 15.70
N SER F 100 33.22 -20.53 14.52
CA SER F 100 33.58 -19.31 13.81
C SER F 100 33.04 -19.38 12.40
N MET F 101 32.56 -18.23 11.94
CA MET F 101 32.06 -18.06 10.59
C MET F 101 32.75 -16.85 9.96
N GLU F 102 33.29 -17.04 8.76
CA GLU F 102 33.89 -15.95 8.02
C GLU F 102 33.34 -15.90 6.59
N LYS F 103 32.83 -14.71 6.25
CA LYS F 103 32.33 -14.34 4.92
C LYS F 103 31.55 -13.03 5.15
N ALA G 1 16.12 10.77 27.47
CA ALA G 1 17.16 9.76 27.14
C ALA G 1 17.93 10.23 25.93
N PRO G 2 19.07 9.57 25.63
CA PRO G 2 19.84 9.96 24.46
C PRO G 2 19.16 9.53 23.16
N GLN G 3 19.52 10.20 22.08
CA GLN G 3 18.80 10.05 20.83
C GLN G 3 19.69 9.53 19.72
N SER G 4 20.88 9.12 20.09
CA SER G 4 21.80 8.55 19.14
C SER G 4 22.88 7.77 19.89
N ILE G 5 23.62 6.98 19.14
CA ILE G 5 24.69 6.16 19.70
C ILE G 5 25.82 7.03 20.23
N THR G 6 26.14 8.12 19.54
CA THR G 6 27.18 9.04 19.99
C THR G 6 26.78 9.68 21.30
N GLU G 7 25.54 10.18 21.34
CA GLU G 7 24.94 10.76 22.54
C GLU G 7 25.04 9.75 23.68
N LEU G 8 24.62 8.52 23.40
CA LEU G 8 24.67 7.47 24.40
C LEU G 8 26.10 7.24 24.87
N CYS G 9 27.02 7.05 23.93
CA CYS G 9 28.43 6.79 24.25
C CYS G 9 29.05 7.80 25.19
N SER G 10 28.69 9.07 25.02
CA SER G 10 29.34 10.13 25.74
C SER G 10 28.88 10.26 27.18
N GLU G 11 27.97 9.40 27.62
CA GLU G 11 27.48 9.44 29.00
C GLU G 11 28.30 8.56 29.94
N TYR G 12 29.14 7.72 29.36
CA TYR G 12 29.92 6.76 30.10
C TYR G 12 31.39 7.11 30.02
N HIS G 13 32.14 6.66 31.02
CA HIS G 13 33.59 6.74 30.99
C HIS G 13 34.12 5.51 30.24
N ASN G 14 35.31 5.63 29.66
CA ASN G 14 36.02 4.49 29.06
C ASN G 14 35.28 3.93 27.86
N THR G 15 34.65 4.81 27.08
CA THR G 15 33.98 4.41 25.87
C THR G 15 34.46 5.21 24.67
N GLN G 16 34.29 4.64 23.47
CA GLN G 16 34.58 5.36 22.25
C GLN G 16 33.78 4.82 21.07
N ILE G 17 33.54 5.69 20.11
CA ILE G 17 32.85 5.30 18.88
C ILE G 17 33.84 4.84 17.84
N TYR G 18 33.60 3.66 17.29
CA TYR G 18 34.28 3.20 16.09
C TYR G 18 33.29 3.32 14.97
N THR G 19 33.70 3.91 13.86
CA THR G 19 32.85 3.98 12.69
C THR G 19 33.31 2.88 11.77
N ILE G 20 32.42 1.93 11.53
CA ILE G 20 32.72 0.72 10.78
C ILE G 20 32.24 0.83 9.34
N ASN G 21 31.00 1.28 9.17
CA ASN G 21 30.40 1.41 7.85
C ASN G 21 30.70 0.19 6.95
N ASP G 22 30.62 -0.99 7.56
CA ASP G 22 30.92 -2.23 6.89
C ASP G 22 30.16 -3.34 7.59
N LYS G 23 29.95 -4.45 6.90
CA LYS G 23 29.40 -5.65 7.51
C LYS G 23 30.48 -6.43 8.29
N ILE G 24 30.02 -7.30 9.19
CA ILE G 24 30.90 -8.16 10.01
C ILE G 24 31.68 -9.15 9.11
N LEU G 25 32.99 -9.23 9.29
CA LEU G 25 33.82 -10.18 8.54
C LEU G 25 33.68 -11.58 9.13
N SER G 26 33.90 -11.69 10.43
CA SER G 26 33.76 -12.99 11.07
C SER G 26 32.92 -12.88 12.33
N TYR G 27 32.30 -13.99 12.71
CA TYR G 27 31.48 -14.09 13.91
C TYR G 27 31.94 -15.34 14.64
N THR G 28 32.37 -15.19 15.88
CA THR G 28 32.79 -16.33 16.69
C THR G 28 31.93 -16.37 17.92
N GLU G 29 31.49 -17.57 18.30
CA GLU G 29 30.66 -17.74 19.46
C GLU G 29 31.17 -18.92 20.25
N SER G 30 31.23 -18.75 21.57
CA SER G 30 31.79 -19.74 22.45
C SER G 30 30.80 -20.08 23.54
N MET G 31 30.64 -21.37 23.80
CA MET G 31 29.90 -21.85 24.98
C MET G 31 30.85 -22.56 25.95
N ALA G 32 32.15 -22.36 25.77
CA ALA G 32 33.15 -22.91 26.68
C ALA G 32 33.04 -22.21 28.04
N GLY G 33 33.28 -22.98 29.11
CA GLY G 33 33.13 -22.51 30.49
C GLY G 33 34.03 -21.33 30.82
N LYS G 34 33.43 -20.28 31.39
CA LYS G 34 34.11 -19.02 31.74
C LYS G 34 34.48 -18.15 30.52
N ARG G 35 34.11 -18.61 29.32
CA ARG G 35 34.31 -17.83 28.08
C ARG G 35 33.04 -17.88 27.20
N GLU G 36 31.89 -17.69 27.83
CA GLU G 36 30.60 -17.70 27.14
C GLU G 36 30.42 -16.32 26.52
N MET G 37 30.96 -16.16 25.33
CA MET G 37 31.09 -14.86 24.68
C MET G 37 30.96 -14.97 23.18
N VAL G 38 30.82 -13.81 22.55
CA VAL G 38 30.85 -13.65 21.09
C VAL G 38 31.98 -12.69 20.78
N ILE G 39 32.68 -12.97 19.69
CA ILE G 39 33.74 -12.09 19.17
C ILE G 39 33.44 -11.80 17.73
N ILE G 40 33.46 -10.53 17.35
CA ILE G 40 33.27 -10.17 15.94
C ILE G 40 34.52 -9.54 15.38
N THR G 41 34.69 -9.65 14.07
CA THR G 41 35.83 -9.08 13.35
C THR G 41 35.39 -8.36 12.09
N PHE G 42 36.13 -7.31 11.75
CA PHE G 42 35.90 -6.56 10.50
C PHE G 42 37.14 -6.54 9.63
N LYS G 43 36.93 -6.22 8.35
CA LYS G 43 38.04 -6.15 7.39
C LYS G 43 39.14 -5.20 7.84
N SER G 44 38.74 -4.09 8.47
CA SER G 44 39.67 -3.11 9.04
C SER G 44 40.72 -3.70 10.02
N GLY G 45 40.53 -4.94 10.44
CA GLY G 45 41.31 -5.50 11.53
C GLY G 45 40.74 -5.18 12.92
N ALA G 46 39.57 -4.57 12.99
CA ALA G 46 38.93 -4.27 14.27
C ALA G 46 38.39 -5.55 14.85
N THR G 47 38.63 -5.79 16.13
CA THR G 47 38.12 -6.97 16.81
C THR G 47 37.41 -6.52 18.05
N PHE G 48 36.23 -7.10 18.30
CA PHE G 48 35.35 -6.72 19.41
C PHE G 48 34.74 -7.96 20.06
N GLN G 49 34.33 -7.80 21.32
CA GLN G 49 33.66 -8.86 22.04
C GLN G 49 32.36 -8.36 22.63
N VAL G 50 31.46 -9.30 22.90
CA VAL G 50 30.42 -9.10 23.90
C VAL G 50 30.93 -9.89 25.11
N GLU G 51 31.12 -9.21 26.23
CA GLU G 51 31.79 -9.80 27.38
C GLU G 51 31.04 -10.98 27.97
N VAL G 52 31.81 -11.85 28.64
CA VAL G 52 31.22 -12.85 29.53
C VAL G 52 30.36 -12.10 30.57
N PRO G 53 29.14 -12.61 30.86
CA PRO G 53 28.39 -11.97 31.94
C PRO G 53 29.12 -12.16 33.27
N GLY G 54 28.99 -11.19 34.16
CA GLY G 54 29.84 -11.11 35.36
C GLY G 54 29.50 -10.01 36.34
N SER G 55 30.38 -9.82 37.33
CA SER G 55 30.11 -8.94 38.47
C SER G 55 30.12 -7.44 38.12
N GLN G 56 30.82 -7.07 37.04
CA GLN G 56 30.81 -5.70 36.51
C GLN G 56 29.44 -5.32 35.91
N HIS G 57 28.62 -6.32 35.61
CA HIS G 57 27.28 -6.10 35.08
C HIS G 57 26.23 -6.07 36.19
N ILE G 58 25.17 -5.28 35.98
CA ILE G 58 24.01 -5.28 36.88
C ILE G 58 22.88 -6.09 36.24
N ASP G 59 21.82 -6.35 36.98
CA ASP G 59 20.83 -7.35 36.56
C ASP G 59 20.05 -6.99 35.26
N SER G 60 19.77 -5.70 35.06
CA SER G 60 19.14 -5.22 33.81
C SER G 60 19.99 -5.48 32.55
N GLN G 61 21.30 -5.68 32.73
CA GLN G 61 22.19 -5.96 31.61
C GLN G 61 22.19 -7.42 31.17
N LYS G 62 21.76 -8.31 32.04
CA LYS G 62 21.79 -9.74 31.70
C LYS G 62 21.02 -10.09 30.42
N LYS G 63 19.79 -9.60 30.28
CA LYS G 63 19.02 -9.87 29.05
C LYS G 63 19.57 -9.07 27.87
N ALA G 64 20.13 -7.91 28.15
CA ALA G 64 20.70 -7.06 27.11
C ALA G 64 21.93 -7.69 26.44
N ILE G 65 22.78 -8.32 27.24
CA ILE G 65 23.94 -9.05 26.75
C ILE G 65 23.53 -10.14 25.76
N GLU G 66 22.52 -10.92 26.14
CA GLU G 66 21.97 -11.96 25.27
C GLU G 66 21.38 -11.35 24.00
N ARG G 67 20.75 -10.20 24.12
CA ARG G 67 20.18 -9.53 22.96
C ARG G 67 21.29 -9.05 22.02
N MET G 68 22.35 -8.47 22.56
CA MET G 68 23.46 -8.05 21.70
C MET G 68 24.05 -9.23 20.92
N LYS G 69 24.13 -10.38 21.56
CA LYS G 69 24.69 -11.55 20.90
C LYS G 69 23.77 -12.04 19.79
N ASP G 70 22.45 -11.97 20.03
CA ASP G 70 21.44 -12.30 19.03
C ASP G 70 21.56 -11.35 17.85
N THR G 71 21.73 -10.08 18.17
CA THR G 71 21.82 -9.05 17.16
C THR G 71 23.07 -9.19 16.30
N LEU G 72 24.21 -9.55 16.90
CA LEU G 72 25.43 -9.75 16.11
C LEU G 72 25.38 -11.00 15.24
N ARG G 73 24.68 -12.04 15.69
CA ARG G 73 24.57 -13.27 14.88
C ARG G 73 23.74 -12.96 13.64
N ILE G 74 22.56 -12.40 13.86
CA ILE G 74 21.66 -12.15 12.75
C ILE G 74 22.26 -11.06 11.83
N THR G 75 22.94 -10.09 12.42
CA THR G 75 23.62 -9.08 11.62
C THR G 75 24.63 -9.72 10.69
N TYR G 76 25.49 -10.57 11.24
CA TYR G 76 26.49 -11.25 10.43
C TYR G 76 25.81 -12.08 9.34
N LEU G 77 24.80 -12.86 9.73
CA LEU G 77 24.15 -13.78 8.81
C LEU G 77 23.46 -13.06 7.66
N THR G 78 22.98 -11.84 7.89
CA THR G 78 22.31 -11.07 6.82
C THR G 78 23.28 -10.16 6.07
N GLU G 79 24.54 -10.10 6.52
CA GLU G 79 25.53 -9.21 5.93
C GLU G 79 25.07 -7.78 6.06
N THR G 80 24.49 -7.46 7.20
CA THR G 80 24.02 -6.12 7.47
C THR G 80 25.16 -5.18 7.83
N LYS G 81 25.13 -4.04 7.18
CA LYS G 81 26.13 -3.04 7.31
C LYS G 81 25.96 -2.35 8.68
N ILE G 82 27.01 -2.44 9.49
CA ILE G 82 27.07 -1.74 10.76
C ILE G 82 27.55 -0.30 10.53
N ASP G 83 26.83 0.65 11.13
CA ASP G 83 27.21 2.05 11.07
C ASP G 83 28.31 2.24 12.12
N LYS G 84 27.93 2.37 13.40
CA LYS G 84 28.90 2.62 14.45
C LYS G 84 28.82 1.61 15.58
N LEU G 85 29.92 1.49 16.32
CA LEU G 85 29.95 0.71 17.54
C LEU G 85 30.44 1.59 18.68
N CYS G 86 29.65 1.62 19.75
CA CYS G 86 30.07 2.19 21.02
C CYS G 86 30.67 1.07 21.90
N VAL G 87 31.97 1.15 22.13
CA VAL G 87 32.68 0.08 22.83
C VAL G 87 33.37 0.59 24.09
N TRP G 88 33.53 -0.29 25.06
CA TRP G 88 34.37 0.00 26.23
C TRP G 88 35.81 -0.30 25.88
N ASN G 89 36.66 0.73 25.94
CA ASN G 89 38.07 0.56 25.64
C ASN G 89 38.90 0.10 26.83
N ASN G 90 38.27 -0.06 27.98
CA ASN G 90 38.95 -0.62 29.14
C ASN G 90 39.02 -2.16 29.14
N LYS G 91 38.77 -2.78 27.99
CA LYS G 91 38.83 -4.24 27.85
C LYS G 91 39.55 -4.61 26.57
N THR G 92 40.19 -5.77 26.54
CA THR G 92 40.85 -6.26 25.34
C THR G 92 40.35 -7.67 25.04
N PRO G 93 39.69 -7.85 23.89
CA PRO G 93 39.35 -6.85 22.90
C PRO G 93 38.29 -5.90 23.43
N ASN G 94 38.11 -4.77 22.77
CA ASN G 94 37.11 -3.80 23.19
C ASN G 94 35.74 -4.46 23.30
N SER G 95 34.96 -3.99 24.26
CA SER G 95 33.69 -4.61 24.63
C SER G 95 32.51 -3.76 24.14
N ILE G 96 31.59 -4.40 23.41
CA ILE G 96 30.49 -3.69 22.77
C ILE G 96 29.45 -3.20 23.79
N ALA G 97 29.16 -1.91 23.75
CA ALA G 97 28.11 -1.32 24.59
C ALA G 97 26.86 -1.03 23.79
N ALA G 98 27.04 -0.66 22.53
CA ALA G 98 25.93 -0.31 21.65
C ALA G 98 26.32 -0.52 20.21
N ILE G 99 25.32 -0.83 19.40
CA ILE G 99 25.52 -1.01 17.97
C ILE G 99 24.53 -0.11 17.25
N SER G 100 24.93 0.45 16.11
CA SER G 100 24.01 1.15 15.24
C SER G 100 24.20 0.67 13.81
N MET G 101 23.08 0.55 13.10
CA MET G 101 23.05 0.06 11.74
C MET G 101 22.24 0.99 10.89
N GLU G 102 22.77 1.29 9.72
CA GLU G 102 22.13 2.18 8.78
C GLU G 102 22.64 1.82 7.41
N LYS G 103 21.72 1.72 6.46
CA LYS G 103 22.02 1.46 5.04
C LYS G 103 21.81 -0.03 4.66
N ALA H 1 -11.40 -5.35 23.65
CA ALA H 1 -10.05 -4.74 23.39
C ALA H 1 -10.06 -3.87 22.13
N PRO H 2 -9.07 -2.97 22.01
CA PRO H 2 -9.01 -2.15 20.80
C PRO H 2 -8.69 -3.02 19.60
N GLN H 3 -9.10 -2.61 18.40
CA GLN H 3 -8.98 -3.40 17.17
C GLN H 3 -8.13 -2.75 16.10
N SER H 4 -7.39 -1.71 16.47
CA SER H 4 -6.43 -1.11 15.59
C SER H 4 -5.48 -0.27 16.41
N ILE H 5 -4.37 0.13 15.79
CA ILE H 5 -3.35 0.88 16.48
C ILE H 5 -3.86 2.25 16.89
N THR H 6 -4.62 2.89 16.03
CA THR H 6 -5.22 4.19 16.32
C THR H 6 -6.17 4.11 17.54
N GLU H 7 -7.04 3.11 17.53
CA GLU H 7 -8.00 2.87 18.61
C GLU H 7 -7.23 2.56 19.91
N LEU H 8 -6.19 1.72 19.80
CA LEU H 8 -5.31 1.43 20.93
C LEU H 8 -4.68 2.70 21.46
N CYS H 9 -4.15 3.50 20.54
CA CYS H 9 -3.46 4.72 20.90
C CYS H 9 -4.38 5.69 21.62
N SER H 10 -5.64 5.70 21.23
CA SER H 10 -6.60 6.66 21.76
C SER H 10 -6.96 6.37 23.20
N GLU H 11 -6.62 5.18 23.70
CA GLU H 11 -6.96 4.84 25.08
C GLU H 11 -5.98 5.41 26.10
N TYR H 12 -4.85 5.96 25.66
CA TYR H 12 -3.84 6.47 26.58
C TYR H 12 -3.65 7.96 26.50
N HIS H 13 -3.15 8.51 27.60
CA HIS H 13 -2.73 9.91 27.71
C HIS H 13 -1.33 10.09 27.12
N ASN H 14 -1.07 11.30 26.63
CA ASN H 14 0.25 11.67 26.09
C ASN H 14 0.72 10.75 24.97
N THR H 15 -0.21 10.26 24.16
CA THR H 15 0.16 9.46 23.00
C THR H 15 -0.27 10.15 21.71
N GLN H 16 0.42 9.81 20.63
CA GLN H 16 -0.02 10.20 19.31
C GLN H 16 0.38 9.13 18.31
N ILE H 17 -0.36 9.08 17.21
CA ILE H 17 0.01 8.28 16.07
C ILE H 17 0.95 9.05 15.18
N TYR H 18 2.05 8.41 14.82
CA TYR H 18 2.89 8.88 13.73
C TYR H 18 2.69 7.93 12.56
N THR H 19 2.38 8.48 11.39
CA THR H 19 2.34 7.71 10.15
C THR H 19 3.75 7.63 9.62
N ILE H 20 4.28 6.43 9.51
CA ILE H 20 5.63 6.25 9.05
C ILE H 20 5.61 5.95 7.57
N ASN H 21 4.80 4.98 7.18
CA ASN H 21 4.71 4.59 5.78
C ASN H 21 6.10 4.52 5.12
N ASP H 22 7.02 3.80 5.77
CA ASP H 22 8.42 3.73 5.37
C ASP H 22 9.16 2.64 6.17
N LYS H 23 10.31 2.22 5.67
CA LYS H 23 11.20 1.32 6.42
C LYS H 23 12.04 2.10 7.43
N ILE H 24 12.66 1.39 8.38
CA ILE H 24 13.50 2.02 9.39
C ILE H 24 14.80 2.43 8.73
N LEU H 25 15.24 3.64 9.04
CA LEU H 25 16.47 4.16 8.46
C LEU H 25 17.66 3.64 9.22
N SER H 26 17.63 3.78 10.54
CA SER H 26 18.69 3.25 11.39
C SER H 26 18.15 2.59 12.64
N TYR H 27 18.87 1.58 13.11
CA TYR H 27 18.51 0.82 14.28
C TYR H 27 19.70 0.89 15.23
N THR H 28 19.46 1.36 16.45
CA THR H 28 20.52 1.45 17.46
C THR H 28 20.14 0.64 18.70
N GLU H 29 21.05 -0.22 19.14
CA GLU H 29 20.79 -1.08 20.29
C GLU H 29 21.88 -0.93 21.33
N SER H 30 21.49 -0.80 22.59
CA SER H 30 22.43 -0.60 23.67
C SER H 30 22.25 -1.59 24.81
N MET H 31 23.36 -2.06 25.35
CA MET H 31 23.38 -2.88 26.54
C MET H 31 24.18 -2.20 27.61
N ALA H 32 24.29 -0.87 27.52
CA ALA H 32 25.00 -0.09 28.51
C ALA H 32 24.12 0.01 29.74
N GLY H 33 24.71 -0.11 30.91
CA GLY H 33 23.99 -0.14 32.17
C GLY H 33 23.15 1.09 32.36
N LYS H 34 21.87 0.88 32.67
CA LYS H 34 20.85 1.93 32.81
C LYS H 34 20.42 2.54 31.47
N ARG H 35 21.02 2.10 30.34
CA ARG H 35 20.51 2.48 28.99
C ARG H 35 20.27 1.24 28.13
N GLU H 36 19.61 0.24 28.69
CA GLU H 36 19.33 -0.98 27.96
C GLU H 36 18.09 -0.69 27.13
N MET H 37 18.33 -0.17 25.92
CA MET H 37 17.29 0.44 25.12
C MET H 37 17.58 0.24 23.64
N VAL H 38 16.60 0.60 22.82
CA VAL H 38 16.70 0.62 21.36
C VAL H 38 16.22 1.97 20.86
N ILE H 39 16.96 2.57 19.94
CA ILE H 39 16.60 3.84 19.31
C ILE H 39 16.40 3.55 17.84
N ILE H 40 15.30 4.02 17.25
CA ILE H 40 15.17 3.92 15.80
C ILE H 40 15.02 5.28 15.19
N THR H 41 15.35 5.35 13.91
CA THR H 41 15.45 6.59 13.15
C THR H 41 14.80 6.37 11.77
N PHE H 42 14.14 7.41 11.25
CA PHE H 42 13.56 7.40 9.92
C PHE H 42 14.04 8.57 9.08
N LYS H 43 13.95 8.46 7.75
CA LYS H 43 14.46 9.54 6.90
C LYS H 43 13.68 10.86 7.08
N SER H 44 12.45 10.79 7.59
CA SER H 44 11.68 11.97 8.00
C SER H 44 12.36 12.88 9.06
N GLY H 45 13.38 12.37 9.75
CA GLY H 45 14.00 13.09 10.86
C GLY H 45 13.51 12.61 12.22
N ALA H 46 12.62 11.61 12.23
CA ALA H 46 12.05 11.10 13.47
C ALA H 46 12.96 10.11 14.20
N THR H 47 13.06 10.28 15.51
CA THR H 47 13.75 9.36 16.38
C THR H 47 12.80 8.80 17.45
N PHE H 48 12.85 7.50 17.66
CA PHE H 48 12.04 6.85 18.67
C PHE H 48 12.87 5.88 19.49
N GLN H 49 12.41 5.65 20.70
CA GLN H 49 13.01 4.71 21.60
C GLN H 49 12.00 3.70 22.05
N VAL H 50 12.49 2.48 22.31
CA VAL H 50 11.88 1.57 23.29
C VAL H 50 12.63 1.87 24.60
N GLU H 51 11.90 2.31 25.62
CA GLU H 51 12.51 2.73 26.88
C GLU H 51 13.16 1.59 27.66
N VAL H 52 14.17 1.95 28.45
CA VAL H 52 14.72 1.07 29.45
C VAL H 52 13.58 0.60 30.38
N PRO H 53 13.48 -0.71 30.66
CA PRO H 53 12.49 -1.16 31.66
C PRO H 53 12.71 -0.46 32.99
N GLY H 54 11.63 -0.16 33.69
CA GLY H 54 11.68 0.72 34.86
C GLY H 54 10.42 0.65 35.72
N SER H 55 10.29 1.63 36.61
CA SER H 55 9.21 1.62 37.59
C SER H 55 7.90 2.07 36.97
N GLN H 56 7.98 2.84 35.89
CA GLN H 56 6.78 3.27 35.16
C GLN H 56 6.13 2.11 34.38
N HIS H 57 6.84 0.98 34.33
CA HIS H 57 6.37 -0.24 33.68
C HIS H 57 5.85 -1.19 34.71
N ILE H 58 4.72 -1.83 34.42
CA ILE H 58 4.20 -2.92 35.24
C ILE H 58 4.87 -4.21 34.75
N ASP H 59 4.63 -5.32 35.45
CA ASP H 59 5.36 -6.57 35.19
C ASP H 59 5.00 -7.25 33.88
N SER H 60 3.75 -7.09 33.43
CA SER H 60 3.30 -7.63 32.14
C SER H 60 3.98 -6.92 30.96
N GLN H 61 4.40 -5.68 31.19
CA GLN H 61 5.11 -4.90 30.18
C GLN H 61 6.54 -5.34 29.94
N LYS H 62 7.14 -6.12 30.84
CA LYS H 62 8.57 -6.44 30.71
C LYS H 62 8.85 -7.40 29.54
N LYS H 63 8.03 -8.43 29.39
CA LYS H 63 8.20 -9.30 28.22
C LYS H 63 7.75 -8.59 26.94
N ALA H 64 6.82 -7.65 27.03
CA ALA H 64 6.37 -6.92 25.83
C ALA H 64 7.47 -5.97 25.32
N ILE H 65 8.21 -5.34 26.22
CA ILE H 65 9.33 -4.46 25.85
C ILE H 65 10.33 -5.26 25.02
N GLU H 66 10.72 -6.41 25.55
CA GLU H 66 11.59 -7.35 24.86
C GLU H 66 11.07 -7.74 23.46
N ARG H 67 9.80 -8.06 23.36
CA ARG H 67 9.20 -8.35 22.05
C ARG H 67 9.27 -7.16 21.06
N MET H 68 8.92 -5.97 21.54
CA MET H 68 8.97 -4.78 20.70
C MET H 68 10.37 -4.60 20.09
N LYS H 69 11.38 -4.87 20.91
CA LYS H 69 12.75 -4.72 20.46
C LYS H 69 13.08 -5.78 19.44
N ASP H 70 12.54 -6.98 19.64
CA ASP H 70 12.72 -8.05 18.68
C ASP H 70 12.10 -7.62 17.37
N THR H 71 10.88 -7.10 17.45
CA THR H 71 10.14 -6.68 16.28
C THR H 71 10.85 -5.60 15.50
N LEU H 72 11.42 -4.64 16.22
CA LEU H 72 12.08 -3.53 15.55
C LEU H 72 13.31 -3.99 14.83
N ARG H 73 14.06 -4.90 15.44
CA ARG H 73 15.24 -5.47 14.82
C ARG H 73 14.90 -6.19 13.53
N ILE H 74 14.00 -7.15 13.60
CA ILE H 74 13.66 -7.94 12.41
C ILE H 74 12.99 -7.04 11.34
N THR H 75 12.27 -6.00 11.78
CA THR H 75 11.67 -5.06 10.85
C THR H 75 12.75 -4.28 10.09
N TYR H 76 13.78 -3.84 10.80
CA TYR H 76 14.85 -3.09 10.16
C TYR H 76 15.62 -4.00 9.18
N LEU H 77 15.99 -5.18 9.63
CA LEU H 77 16.79 -6.12 8.79
C LEU H 77 16.08 -6.59 7.53
N THR H 78 14.76 -6.72 7.58
CA THR H 78 14.00 -7.15 6.42
C THR H 78 13.53 -5.97 5.56
N GLU H 79 13.91 -4.76 5.96
CA GLU H 79 13.47 -3.53 5.29
C GLU H 79 11.96 -3.42 5.22
N THR H 80 11.27 -3.93 6.24
CA THR H 80 9.80 -3.97 6.24
C THR H 80 9.23 -2.59 6.48
N LYS H 81 8.25 -2.24 5.65
CA LYS H 81 7.56 -0.97 5.78
C LYS H 81 6.67 -0.94 7.01
N ILE H 82 6.91 0.04 7.88
CA ILE H 82 5.99 0.34 8.99
C ILE H 82 4.85 1.24 8.53
N ASP H 83 3.63 0.94 8.91
CA ASP H 83 2.55 1.88 8.66
C ASP H 83 2.57 2.95 9.75
N LYS H 84 2.20 2.60 10.98
CA LYS H 84 2.09 3.62 12.02
C LYS H 84 2.86 3.24 13.25
N LEU H 85 3.20 4.26 14.04
CA LEU H 85 3.72 4.06 15.40
C LEU H 85 2.82 4.83 16.30
N CYS H 86 2.43 4.19 17.39
CA CYS H 86 1.80 4.86 18.49
C CYS H 86 2.87 5.08 19.53
N VAL H 87 3.08 6.34 19.91
CA VAL H 87 4.16 6.71 20.79
C VAL H 87 3.71 7.62 21.90
N TRP H 88 4.46 7.59 22.99
CA TRP H 88 4.31 8.50 24.11
C TRP H 88 5.12 9.73 23.81
N ASN H 89 4.48 10.89 23.86
CA ASN H 89 5.12 12.14 23.47
C ASN H 89 5.56 12.97 24.68
N ASN H 90 5.41 12.40 25.88
CA ASN H 90 5.97 12.94 27.14
C ASN H 90 7.38 12.43 27.44
N LYS H 91 7.97 11.68 26.51
CA LYS H 91 9.37 11.26 26.62
C LYS H 91 10.16 11.79 25.43
N THR H 92 11.47 11.92 25.59
CA THR H 92 12.39 12.31 24.55
C THR H 92 13.52 11.28 24.53
N PRO H 93 13.68 10.53 23.42
CA PRO H 93 12.80 10.53 22.25
C PRO H 93 11.45 9.94 22.59
N ASN H 94 10.45 10.23 21.77
CA ASN H 94 9.14 9.64 21.93
C ASN H 94 9.30 8.14 22.08
N SER H 95 8.50 7.58 22.99
CA SER H 95 8.64 6.20 23.39
C SER H 95 7.60 5.36 22.68
N ILE H 96 8.01 4.23 22.10
CA ILE H 96 7.10 3.43 21.28
C ILE H 96 6.15 2.63 22.15
N ALA H 97 4.85 2.80 21.90
CA ALA H 97 3.81 2.05 22.62
C ALA H 97 3.28 0.94 21.74
N ALA H 98 3.19 1.20 20.44
CA ALA H 98 2.63 0.23 19.50
C ALA H 98 3.20 0.46 18.10
N ILE H 99 3.28 -0.62 17.32
CA ILE H 99 3.70 -0.55 15.94
C ILE H 99 2.69 -1.28 15.03
N SER H 100 2.45 -0.74 13.85
CA SER H 100 1.63 -1.40 12.83
C SER H 100 2.39 -1.47 11.52
N MET H 101 2.09 -2.50 10.72
CA MET H 101 2.72 -2.72 9.42
C MET H 101 1.67 -3.28 8.47
N GLU H 102 1.61 -2.73 7.26
CA GLU H 102 0.61 -3.15 6.27
C GLU H 102 1.26 -3.64 4.98
N LYS H 103 0.71 -4.73 4.44
CA LYS H 103 1.17 -5.39 3.23
C LYS H 103 0.06 -5.47 2.17
N ALA I 1 -4.34 -37.22 21.13
CA ALA I 1 -4.45 -35.79 20.75
C ALA I 1 -5.12 -35.62 19.37
N PRO I 2 -5.66 -34.42 19.12
CA PRO I 2 -6.23 -34.07 17.82
C PRO I 2 -5.18 -34.03 16.72
N GLN I 3 -5.63 -34.16 15.48
CA GLN I 3 -4.77 -34.35 14.33
C GLN I 3 -5.02 -33.30 13.24
N SER I 4 -5.91 -32.37 13.51
CA SER I 4 -6.15 -31.24 12.61
C SER I 4 -6.62 -30.06 13.46
N ILE I 5 -6.59 -28.86 12.87
CA ILE I 5 -7.15 -27.69 13.54
C ILE I 5 -8.67 -27.82 13.75
N THR I 6 -9.38 -28.43 12.80
CA THR I 6 -10.82 -28.56 12.91
C THR I 6 -11.20 -29.50 14.04
N GLU I 7 -10.42 -30.57 14.20
CA GLU I 7 -10.65 -31.49 15.29
C GLU I 7 -10.40 -30.76 16.61
N LEU I 8 -9.24 -30.12 16.72
CA LEU I 8 -8.88 -29.39 17.92
C LEU I 8 -9.96 -28.40 18.34
N CYS I 9 -10.38 -27.57 17.39
CA CYS I 9 -11.38 -26.53 17.62
C CYS I 9 -12.67 -27.09 18.26
N SER I 10 -13.07 -28.29 17.85
CA SER I 10 -14.34 -28.87 18.31
C SER I 10 -14.33 -29.38 19.79
N GLU I 11 -13.16 -29.45 20.42
CA GLU I 11 -13.02 -29.79 21.85
C GLU I 11 -13.29 -28.61 22.76
N TYR I 12 -13.55 -27.44 22.22
CA TYR I 12 -13.62 -26.22 23.02
C TYR I 12 -14.94 -25.50 22.84
N HIS I 13 -15.49 -24.98 23.92
CA HIS I 13 -16.73 -24.18 23.83
C HIS I 13 -16.35 -22.78 23.30
N ASN I 14 -17.30 -22.12 22.66
CA ASN I 14 -17.10 -20.73 22.18
C ASN I 14 -15.99 -20.51 21.15
N THR I 15 -15.51 -21.56 20.50
CA THR I 15 -14.55 -21.40 19.42
C THR I 15 -15.24 -21.45 18.08
N GLN I 16 -14.50 -21.09 17.05
CA GLN I 16 -15.01 -21.01 15.69
C GLN I 16 -13.82 -21.14 14.77
N ILE I 17 -13.96 -21.94 13.71
CA ILE I 17 -12.96 -22.02 12.64
C ILE I 17 -13.24 -20.97 11.56
N TYR I 18 -12.23 -20.19 11.21
CA TYR I 18 -12.29 -19.31 10.04
C TYR I 18 -11.32 -19.84 9.01
N THR I 19 -11.81 -20.04 7.79
CA THR I 19 -10.95 -20.39 6.67
C THR I 19 -10.45 -19.06 6.15
N ILE I 20 -9.16 -18.81 6.32
CA ILE I 20 -8.56 -17.55 5.92
C ILE I 20 -8.11 -17.67 4.48
N ASN I 21 -7.34 -18.70 4.19
CA ASN I 21 -6.84 -18.94 2.84
C ASN I 21 -6.23 -17.65 2.29
N ASP I 22 -5.48 -16.97 3.15
CA ASP I 22 -4.83 -15.74 2.80
C ASP I 22 -3.66 -15.45 3.73
N LYS I 23 -2.76 -14.61 3.24
CA LYS I 23 -1.72 -14.06 4.07
C LYS I 23 -2.27 -12.89 4.89
N ILE I 24 -1.53 -12.50 5.92
CA ILE I 24 -1.93 -11.43 6.82
C ILE I 24 -1.79 -10.09 6.13
N LEU I 25 -2.78 -9.23 6.29
CA LEU I 25 -2.76 -7.91 5.68
C LEU I 25 -2.01 -6.94 6.56
N SER I 26 -2.33 -6.92 7.85
CA SER I 26 -1.69 -5.97 8.76
C SER I 26 -1.32 -6.65 10.06
N TYR I 27 -0.15 -6.28 10.59
CA TYR I 27 0.32 -6.75 11.88
C TYR I 27 0.47 -5.55 12.82
N THR I 28 -0.12 -5.67 14.00
CA THR I 28 -0.05 -4.62 15.01
C THR I 28 0.36 -5.23 16.32
N GLU I 29 1.35 -4.61 16.96
CA GLU I 29 1.87 -5.11 18.21
C GLU I 29 1.94 -3.97 19.19
N SER I 30 1.52 -4.24 20.42
CA SER I 30 1.53 -3.25 21.47
C SER I 30 2.24 -3.75 22.72
N MET I 31 3.06 -2.87 23.29
CA MET I 31 3.66 -3.11 24.61
C MET I 31 3.06 -2.15 25.67
N ALA I 32 2.01 -1.43 25.31
CA ALA I 32 1.38 -0.50 26.25
C ALA I 32 0.78 -1.26 27.44
N GLY I 33 0.83 -0.66 28.61
CA GLY I 33 0.39 -1.33 29.83
C GLY I 33 -1.03 -1.80 29.74
N LYS I 34 -1.28 -3.06 30.12
CA LYS I 34 -2.60 -3.70 30.03
C LYS I 34 -3.07 -3.96 28.60
N ARG I 35 -2.27 -3.57 27.61
CA ARG I 35 -2.59 -3.86 26.22
C ARG I 35 -1.44 -4.57 25.54
N GLU I 36 -0.85 -5.54 26.22
CA GLU I 36 0.32 -6.24 25.67
C GLU I 36 -0.20 -7.34 24.77
N MET I 37 -0.45 -6.96 23.51
CA MET I 37 -1.22 -7.82 22.61
C MET I 37 -0.77 -7.67 21.19
N VAL I 38 -1.26 -8.58 20.36
CA VAL I 38 -1.08 -8.51 18.93
C VAL I 38 -2.46 -8.50 18.29
N ILE I 39 -2.61 -7.62 17.30
CA ILE I 39 -3.80 -7.58 16.48
C ILE I 39 -3.38 -7.82 15.04
N ILE I 40 -4.00 -8.81 14.39
CA ILE I 40 -3.83 -8.99 12.95
C ILE I 40 -5.13 -8.78 12.19
N THR I 41 -4.98 -8.45 10.92
CA THR I 41 -6.11 -8.08 10.07
C THR I 41 -5.96 -8.78 8.73
N PHE I 42 -7.07 -9.04 8.06
CA PHE I 42 -7.05 -9.62 6.73
C PHE I 42 -7.86 -8.79 5.75
N LYS I 43 -7.65 -9.06 4.48
CA LYS I 43 -8.36 -8.38 3.41
C LYS I 43 -9.88 -8.57 3.46
N SER I 44 -10.31 -9.68 4.03
CA SER I 44 -11.74 -9.95 4.27
C SER I 44 -12.43 -8.91 5.13
N GLY I 45 -11.66 -8.21 5.95
CA GLY I 45 -12.21 -7.37 7.00
C GLY I 45 -12.15 -8.04 8.35
N ALA I 46 -11.60 -9.25 8.42
CA ALA I 46 -11.43 -9.96 9.70
C ALA I 46 -10.33 -9.31 10.54
N THR I 47 -10.62 -9.13 11.83
CA THR I 47 -9.60 -8.71 12.82
C THR I 47 -9.52 -9.70 13.96
N PHE I 48 -8.30 -10.09 14.31
CA PHE I 48 -8.09 -11.05 15.39
C PHE I 48 -7.03 -10.54 16.33
N GLN I 49 -7.05 -11.04 17.56
CA GLN I 49 -6.02 -10.70 18.54
C GLN I 49 -5.33 -11.96 19.07
N VAL I 50 -4.08 -11.81 19.52
CA VAL I 50 -3.59 -12.59 20.64
C VAL I 50 -3.65 -11.78 21.94
N GLU I 51 -4.44 -12.28 22.88
CA GLU I 51 -5.00 -11.43 23.93
C GLU I 51 -4.08 -11.34 25.13
N VAL I 52 -4.19 -10.25 25.88
CA VAL I 52 -3.35 -10.04 27.06
C VAL I 52 -3.39 -11.31 27.89
N PRO I 53 -2.23 -11.74 28.40
CA PRO I 53 -2.19 -12.86 29.37
C PRO I 53 -3.24 -12.75 30.48
N GLY I 54 -4.19 -13.70 30.49
CA GLY I 54 -5.34 -13.70 31.40
C GLY I 54 -4.99 -14.11 32.82
N ASP I 59 0.46 -20.14 31.60
CA ASP I 59 1.66 -20.59 32.31
C ASP I 59 2.43 -21.61 31.47
N SER I 60 1.85 -22.79 31.29
CA SER I 60 1.97 -23.52 30.04
C SER I 60 1.29 -22.76 28.89
N GLN I 61 0.20 -22.08 29.20
CA GLN I 61 -0.43 -21.18 28.25
C GLN I 61 0.32 -19.87 28.09
N LYS I 62 1.08 -19.47 29.10
CA LYS I 62 1.90 -18.26 29.02
C LYS I 62 3.02 -18.39 27.98
N LYS I 63 3.67 -19.55 27.89
CA LYS I 63 4.66 -19.77 26.83
C LYS I 63 3.96 -19.82 25.46
N ALA I 64 2.76 -20.41 25.46
CA ALA I 64 1.98 -20.61 24.25
C ALA I 64 1.53 -19.28 23.66
N ILE I 65 1.03 -18.35 24.47
CA ILE I 65 0.63 -17.04 23.98
C ILE I 65 1.82 -16.27 23.37
N GLU I 66 2.97 -16.32 24.03
CA GLU I 66 4.17 -15.69 23.52
C GLU I 66 4.57 -16.31 22.19
N ARG I 67 4.47 -17.63 22.08
CA ARG I 67 4.87 -18.31 20.86
C ARG I 67 3.95 -17.92 19.69
N MET I 68 2.65 -17.89 19.95
CA MET I 68 1.66 -17.53 18.94
C MET I 68 1.99 -16.16 18.38
N LYS I 69 2.39 -15.26 19.26
CA LYS I 69 2.75 -13.92 18.83
C LYS I 69 3.99 -13.94 17.95
N ASP I 70 4.98 -14.75 18.30
CA ASP I 70 6.16 -14.92 17.46
C ASP I 70 5.73 -15.45 16.09
N THR I 71 4.86 -16.45 16.10
CA THR I 71 4.40 -17.09 14.87
C THR I 71 3.68 -16.09 13.95
N LEU I 72 2.83 -15.23 14.50
CA LEU I 72 2.09 -14.26 13.67
C LEU I 72 3.02 -13.20 13.06
N ARG I 73 4.02 -12.80 13.81
CA ARG I 73 4.96 -11.84 13.28
C ARG I 73 5.71 -12.45 12.10
N ILE I 74 6.34 -13.60 12.29
CA ILE I 74 7.13 -14.21 11.22
C ILE I 74 6.24 -14.62 10.04
N THR I 75 4.97 -14.97 10.32
CA THR I 75 4.02 -15.32 9.27
C THR I 75 3.68 -14.08 8.43
N TYR I 76 3.45 -12.96 9.10
CA TYR I 76 3.29 -11.69 8.42
C TYR I 76 4.52 -11.31 7.56
N LEU I 77 5.70 -11.37 8.14
CA LEU I 77 6.91 -10.89 7.48
C LEU I 77 7.29 -11.72 6.27
N THR I 78 7.02 -13.04 6.32
CA THR I 78 7.30 -13.93 5.21
C THR I 78 6.14 -14.03 4.21
N GLU I 79 5.07 -13.30 4.46
CA GLU I 79 3.88 -13.30 3.57
C GLU I 79 3.33 -14.72 3.39
N THR I 80 3.26 -15.45 4.49
CA THR I 80 2.85 -16.85 4.48
C THR I 80 1.33 -16.99 4.57
N LYS I 81 0.81 -17.84 3.70
CA LYS I 81 -0.62 -18.04 3.57
C LYS I 81 -1.16 -18.84 4.73
N ILE I 82 -2.12 -18.28 5.45
CA ILE I 82 -2.77 -18.97 6.54
C ILE I 82 -3.92 -19.79 5.97
N ASP I 83 -4.01 -21.05 6.35
CA ASP I 83 -5.13 -21.90 5.95
C ASP I 83 -6.30 -21.55 6.83
N LYS I 84 -6.22 -21.91 8.10
CA LYS I 84 -7.32 -21.65 9.02
C LYS I 84 -6.84 -21.02 10.33
N LEU I 85 -7.74 -20.31 10.98
CA LEU I 85 -7.58 -19.89 12.34
C LEU I 85 -8.71 -20.51 13.18
N CYS I 86 -8.36 -21.02 14.36
CA CYS I 86 -9.35 -21.39 15.35
C CYS I 86 -9.40 -20.28 16.36
N VAL I 87 -10.58 -19.70 16.56
CA VAL I 87 -10.70 -18.51 17.41
C VAL I 87 -11.84 -18.59 18.43
N TRP I 88 -11.63 -17.88 19.54
CA TRP I 88 -12.66 -17.67 20.54
C TRP I 88 -13.54 -16.48 20.13
N ASN I 89 -14.80 -16.74 19.85
CA ASN I 89 -15.76 -15.71 19.42
C ASN I 89 -16.49 -15.07 20.59
N ASN I 90 -16.09 -15.39 21.81
CA ASN I 90 -16.65 -14.74 23.00
C ASN I 90 -15.92 -13.43 23.29
N LYS I 91 -15.07 -13.01 22.36
CA LYS I 91 -14.23 -11.84 22.56
C LYS I 91 -14.21 -10.94 21.35
N THR I 92 -14.01 -9.65 21.62
CA THR I 92 -13.88 -8.62 20.61
C THR I 92 -12.51 -7.98 20.70
N PRO I 93 -11.68 -8.15 19.64
CA PRO I 93 -11.89 -9.02 18.51
C PRO I 93 -11.72 -10.46 18.91
N ASN I 94 -12.09 -11.37 18.02
CA ASN I 94 -11.95 -12.77 18.31
C ASN I 94 -10.49 -13.05 18.65
N SER I 95 -10.30 -13.98 19.58
CA SER I 95 -8.99 -14.30 20.13
C SER I 95 -8.47 -15.58 19.50
N ILE I 96 -7.22 -15.56 19.05
CA ILE I 96 -6.67 -16.71 18.34
C ILE I 96 -6.31 -17.85 19.29
N ALA I 97 -6.90 -19.03 19.03
CA ALA I 97 -6.63 -20.22 19.81
C ALA I 97 -5.68 -21.14 19.06
N ALA I 98 -5.85 -21.24 17.74
CA ALA I 98 -4.95 -22.05 16.95
C ALA I 98 -4.85 -21.52 15.53
N ILE I 99 -3.69 -21.78 14.90
CA ILE I 99 -3.41 -21.33 13.54
C ILE I 99 -2.91 -22.52 12.71
N SER I 100 -3.36 -22.60 11.45
CA SER I 100 -2.82 -23.60 10.52
C SER I 100 -2.39 -22.94 9.24
N MET I 101 -1.36 -23.50 8.61
CA MET I 101 -0.75 -22.95 7.40
C MET I 101 -0.46 -24.09 6.47
N GLU I 102 -0.80 -23.94 5.20
CA GLU I 102 -0.58 -25.00 4.25
C GLU I 102 -0.04 -24.51 2.93
N LYS I 103 1.09 -25.12 2.53
CA LYS I 103 1.67 -24.93 1.21
C LYS I 103 2.50 -26.18 0.87
N ALA J 1 27.74 -40.87 22.91
CA ALA J 1 26.53 -40.22 22.34
C ALA J 1 26.32 -40.75 20.92
N PRO J 2 25.07 -40.81 20.46
CA PRO J 2 24.83 -41.33 19.11
C PRO J 2 25.25 -40.34 18.05
N GLN J 3 25.59 -40.82 16.86
CA GLN J 3 26.11 -39.96 15.78
C GLN J 3 25.13 -39.82 14.61
N SER J 4 23.93 -40.35 14.79
CA SER J 4 22.91 -40.32 13.76
C SER J 4 21.53 -40.46 14.40
N ILE J 5 20.51 -39.98 13.70
CA ILE J 5 19.14 -40.06 14.19
C ILE J 5 18.68 -41.51 14.32
N THR J 6 19.15 -42.39 13.44
CA THR J 6 18.80 -43.81 13.51
C THR J 6 19.41 -44.46 14.73
N GLU J 7 20.70 -44.21 14.96
CA GLU J 7 21.36 -44.66 16.19
C GLU J 7 20.60 -44.19 17.42
N LEU J 8 20.30 -42.88 17.45
CA LEU J 8 19.54 -42.29 18.57
C LEU J 8 18.18 -42.96 18.71
N CYS J 9 17.44 -43.07 17.61
CA CYS J 9 16.11 -43.70 17.64
C CYS J 9 16.13 -45.10 18.26
N SER J 10 17.11 -45.91 17.86
CA SER J 10 17.16 -47.31 18.27
C SER J 10 17.62 -47.49 19.73
N GLU J 11 18.01 -46.41 20.40
CA GLU J 11 18.22 -46.42 21.86
C GLU J 11 16.93 -46.39 22.69
N TYR J 12 15.79 -46.15 22.07
CA TYR J 12 14.52 -46.00 22.80
C TYR J 12 13.51 -47.04 22.34
N HIS J 13 12.53 -47.32 23.20
CA HIS J 13 11.44 -48.25 22.89
C HIS J 13 10.18 -47.47 22.50
N ASN J 14 9.33 -48.14 21.74
CA ASN J 14 8.12 -47.52 21.19
C ASN J 14 8.44 -46.40 20.21
N THR J 15 9.67 -46.38 19.69
CA THR J 15 10.07 -45.39 18.68
C THR J 15 10.24 -46.05 17.34
N GLN J 16 10.14 -45.22 16.32
CA GLN J 16 10.15 -45.65 14.95
C GLN J 16 10.70 -44.50 14.13
N ILE J 17 11.57 -44.82 13.18
CA ILE J 17 11.98 -43.88 12.16
C ILE J 17 10.93 -43.85 11.05
N TYR J 18 10.52 -42.65 10.68
CA TYR J 18 9.86 -42.44 9.41
C TYR J 18 10.82 -41.65 8.53
N THR J 19 11.18 -42.23 7.39
CA THR J 19 11.93 -41.50 6.36
C THR J 19 10.94 -40.57 5.67
N ILE J 20 11.21 -39.27 5.71
CA ILE J 20 10.26 -38.30 5.16
C ILE J 20 10.71 -37.83 3.79
N ASN J 21 11.96 -37.37 3.70
CA ASN J 21 12.54 -36.87 2.46
C ASN J 21 11.57 -35.92 1.74
N ASP J 22 11.10 -34.92 2.47
CA ASP J 22 10.09 -33.98 1.96
C ASP J 22 9.93 -32.78 2.91
N LYS J 23 9.38 -31.69 2.39
CA LYS J 23 9.10 -30.49 3.19
C LYS J 23 7.75 -30.66 3.84
N ILE J 24 7.53 -29.97 4.95
CA ILE J 24 6.29 -30.08 5.71
C ILE J 24 5.13 -29.57 4.86
N LEU J 25 4.01 -30.29 4.85
CA LEU J 25 2.84 -29.86 4.08
C LEU J 25 2.06 -28.83 4.88
N SER J 26 1.66 -29.17 6.10
CA SER J 26 0.93 -28.21 6.95
C SER J 26 1.54 -28.08 8.35
N TYR J 27 1.57 -26.84 8.84
CA TYR J 27 1.97 -26.55 10.22
C TYR J 27 0.77 -26.00 10.93
N THR J 28 0.36 -26.66 12.00
CA THR J 28 -0.69 -26.16 12.88
C THR J 28 -0.09 -25.93 14.26
N GLU J 29 -0.49 -24.86 14.92
CA GLU J 29 0.02 -24.53 16.25
C GLU J 29 -1.14 -24.12 17.12
N SER J 30 -1.13 -24.55 18.38
CA SER J 30 -2.24 -24.29 19.27
C SER J 30 -1.76 -23.75 20.61
N MET J 31 -2.52 -22.80 21.13
CA MET J 31 -2.31 -22.25 22.45
C MET J 31 -3.56 -22.41 23.30
N ALA J 32 -4.47 -23.27 22.83
CA ALA J 32 -5.66 -23.62 23.59
C ALA J 32 -5.25 -24.42 24.82
N GLY J 33 -5.93 -24.16 25.93
CA GLY J 33 -5.59 -24.78 27.23
C GLY J 33 -5.57 -26.29 27.17
N LYS J 34 -4.45 -26.86 27.63
CA LYS J 34 -4.25 -28.32 27.65
C LYS J 34 -4.07 -28.89 26.25
N ARG J 35 -3.91 -28.01 25.27
CA ARG J 35 -3.57 -28.42 23.91
C ARG J 35 -2.53 -27.46 23.32
N GLU J 36 -1.50 -27.16 24.11
CA GLU J 36 -0.45 -26.26 23.65
C GLU J 36 0.51 -27.16 22.93
N MET J 37 0.28 -27.31 21.63
CA MET J 37 0.99 -28.29 20.83
C MET J 37 1.22 -27.79 19.41
N VAL J 38 1.99 -28.57 18.67
CA VAL J 38 2.17 -28.32 17.27
C VAL J 38 1.85 -29.64 16.57
N ILE J 39 1.09 -29.55 15.48
CA ILE J 39 0.81 -30.72 14.64
C ILE J 39 1.41 -30.41 13.30
N ILE J 40 2.13 -31.36 12.71
CA ILE J 40 2.55 -31.20 11.32
C ILE J 40 1.99 -32.30 10.44
N THR J 41 2.03 -32.02 9.15
CA THR J 41 1.47 -32.89 8.15
C THR J 41 2.41 -32.97 6.96
N PHE J 42 2.41 -34.12 6.29
CA PHE J 42 3.18 -34.29 5.08
C PHE J 42 2.25 -34.82 4.03
N LYS J 43 2.57 -34.59 2.76
CA LYS J 43 1.65 -34.96 1.70
C LYS J 43 1.54 -36.49 1.54
N SER J 44 2.47 -37.24 2.13
CA SER J 44 2.32 -38.70 2.20
C SER J 44 1.08 -39.17 3.00
N GLY J 45 0.45 -38.24 3.73
CA GLY J 45 -0.64 -38.60 4.65
C GLY J 45 -0.20 -38.56 6.12
N ALA J 46 1.11 -38.58 6.36
CA ALA J 46 1.67 -38.62 7.73
C ALA J 46 1.33 -37.36 8.53
N THR J 47 0.83 -37.57 9.75
CA THR J 47 0.54 -36.51 10.70
C THR J 47 1.42 -36.75 11.93
N PHE J 48 2.07 -35.71 12.45
CA PHE J 48 2.81 -35.82 13.71
C PHE J 48 2.54 -34.69 14.68
N GLN J 49 2.86 -34.92 15.95
CA GLN J 49 2.73 -33.89 16.98
C GLN J 49 4.04 -33.70 17.73
N VAL J 50 4.30 -32.47 18.16
CA VAL J 50 5.06 -32.23 19.38
C VAL J 50 4.14 -32.06 20.58
N GLU J 51 4.42 -32.80 21.65
CA GLU J 51 3.43 -33.09 22.68
C GLU J 51 3.17 -31.86 23.54
N VAL J 52 1.97 -31.79 24.11
CA VAL J 52 1.72 -30.93 25.24
C VAL J 52 2.67 -31.38 26.36
N PRO J 53 3.39 -30.44 26.97
CA PRO J 53 4.09 -30.78 28.22
C PRO J 53 3.07 -31.03 29.32
N GLY J 54 3.29 -32.00 30.21
CA GLY J 54 4.51 -32.80 30.31
C GLY J 54 4.84 -33.09 31.77
N HIS J 57 7.62 -36.13 30.75
CA HIS J 57 8.59 -35.09 30.42
C HIS J 57 9.38 -34.58 31.64
N ILE J 58 10.65 -35.00 31.73
CA ILE J 58 11.62 -34.44 32.69
C ILE J 58 11.99 -33.00 32.30
N ASP J 59 12.52 -32.22 33.25
CA ASP J 59 12.64 -30.75 33.07
C ASP J 59 13.65 -30.28 32.00
N SER J 60 14.66 -31.11 31.73
CA SER J 60 15.56 -30.90 30.59
C SER J 60 14.83 -30.98 29.25
N GLN J 61 13.74 -31.76 29.19
CA GLN J 61 12.95 -31.90 27.97
C GLN J 61 12.04 -30.70 27.69
N LYS J 62 11.78 -29.87 28.70
CA LYS J 62 10.81 -28.79 28.58
C LYS J 62 11.32 -27.68 27.67
N LYS J 63 12.60 -27.34 27.78
CA LYS J 63 13.28 -26.45 26.83
C LYS J 63 13.40 -27.10 25.43
N ALA J 64 13.60 -28.42 25.37
CA ALA J 64 13.71 -29.11 24.10
C ALA J 64 12.39 -29.20 23.34
N ILE J 65 11.28 -29.35 24.06
CA ILE J 65 9.96 -29.32 23.43
C ILE J 65 9.73 -27.97 22.73
N GLU J 66 10.07 -26.90 23.44
CA GLU J 66 9.99 -25.56 22.90
C GLU J 66 10.90 -25.42 21.69
N ARG J 67 12.11 -25.97 21.76
CA ARG J 67 13.04 -25.87 20.64
C ARG J 67 12.50 -26.58 19.40
N MET J 68 11.95 -27.78 19.59
CA MET J 68 11.42 -28.57 18.49
C MET J 68 10.30 -27.82 17.81
N LYS J 69 9.44 -27.22 18.62
CA LYS J 69 8.38 -26.37 18.10
C LYS J 69 8.99 -25.24 17.25
N ASP J 70 10.05 -24.61 17.73
CA ASP J 70 10.77 -23.61 16.93
C ASP J 70 11.26 -24.18 15.61
N THR J 71 11.83 -25.37 15.68
CA THR J 71 12.48 -25.96 14.51
C THR J 71 11.49 -26.28 13.40
N LEU J 72 10.33 -26.80 13.80
CA LEU J 72 9.29 -27.19 12.86
C LEU J 72 8.68 -26.01 12.13
N ARG J 73 8.34 -24.96 12.89
CA ARG J 73 7.85 -23.73 12.32
C ARG J 73 8.82 -23.18 11.28
N ILE J 74 10.05 -22.91 11.69
CA ILE J 74 11.02 -22.28 10.80
C ILE J 74 11.31 -23.21 9.64
N THR J 75 11.16 -24.52 9.87
CA THR J 75 11.41 -25.52 8.83
C THR J 75 10.31 -25.43 7.80
N TYR J 76 9.08 -25.42 8.27
CA TYR J 76 7.93 -25.22 7.41
C TYR J 76 8.03 -23.94 6.58
N LEU J 77 8.31 -22.81 7.24
CA LEU J 77 8.30 -21.51 6.56
C LEU J 77 9.38 -21.41 5.50
N THR J 78 10.53 -22.05 5.74
CA THR J 78 11.61 -22.04 4.77
C THR J 78 11.47 -23.17 3.72
N GLU J 79 10.48 -24.04 3.90
CA GLU J 79 10.26 -25.18 3.00
C GLU J 79 11.48 -26.10 2.96
N THR J 80 12.10 -26.27 4.11
CA THR J 80 13.29 -27.07 4.23
C THR J 80 12.94 -28.56 4.26
N LYS J 81 13.73 -29.33 3.52
CA LYS J 81 13.49 -30.75 3.30
C LYS J 81 13.89 -31.50 4.57
N ILE J 82 12.93 -32.23 5.16
CA ILE J 82 13.19 -33.12 6.29
C ILE J 82 13.62 -34.51 5.79
N ASP J 83 14.71 -35.02 6.33
CA ASP J 83 15.23 -36.33 5.98
C ASP J 83 14.39 -37.38 6.69
N LYS J 84 14.56 -37.46 8.02
CA LYS J 84 13.85 -38.45 8.85
C LYS J 84 13.27 -37.82 10.12
N LEU J 85 12.16 -38.41 10.57
CA LEU J 85 11.62 -38.13 11.89
C LEU J 85 11.79 -39.38 12.73
N CYS J 86 12.21 -39.19 13.99
CA CYS J 86 12.15 -40.24 14.99
C CYS J 86 10.95 -39.90 15.84
N VAL J 87 10.01 -40.83 15.92
CA VAL J 87 8.71 -40.58 16.53
C VAL J 87 8.35 -41.70 17.49
N TRP J 88 7.66 -41.36 18.58
CA TRP J 88 7.09 -42.34 19.50
C TRP J 88 5.75 -42.81 18.95
N ASN J 89 5.59 -44.12 18.76
CA ASN J 89 4.36 -44.66 18.15
C ASN J 89 3.29 -45.13 19.13
N ASN J 90 3.45 -44.87 20.41
CA ASN J 90 2.41 -45.18 21.40
C ASN J 90 1.40 -44.03 21.57
N LYS J 91 1.73 -42.88 21.01
CA LYS J 91 0.82 -41.74 20.99
C LYS J 91 0.17 -41.60 19.59
N THR J 92 -0.98 -40.93 19.55
CA THR J 92 -1.68 -40.64 18.29
C THR J 92 -2.06 -39.15 18.21
N PRO J 93 -1.52 -38.42 17.21
CA PRO J 93 -0.58 -38.92 16.22
C PRO J 93 0.78 -39.19 16.85
N ASN J 94 1.68 -39.80 16.09
CA ASN J 94 2.98 -40.10 16.63
C ASN J 94 3.68 -38.83 17.08
N SER J 95 4.37 -38.89 18.21
CA SER J 95 4.94 -37.73 18.84
C SER J 95 6.41 -37.63 18.47
N ILE J 96 6.86 -36.44 18.07
CA ILE J 96 8.21 -36.29 17.53
C ILE J 96 9.25 -36.29 18.65
N ALA J 97 10.25 -37.14 18.49
CA ALA J 97 11.35 -37.26 19.42
C ALA J 97 12.61 -36.62 18.83
N ALA J 98 12.89 -36.87 17.55
CA ALA J 98 14.02 -36.24 16.89
C ALA J 98 13.69 -35.94 15.46
N ILE J 99 14.42 -35.01 14.88
CA ILE J 99 14.25 -34.63 13.49
C ILE J 99 15.61 -34.51 12.84
N SER J 100 15.71 -34.92 11.58
CA SER J 100 16.94 -34.74 10.82
C SER J 100 16.60 -34.07 9.50
N MET J 101 17.55 -33.31 8.97
CA MET J 101 17.40 -32.60 7.69
C MET J 101 18.73 -32.65 6.96
N GLU J 102 18.70 -32.81 5.63
CA GLU J 102 19.93 -32.85 4.86
C GLU J 102 19.94 -32.01 3.56
N LYS J 103 21.03 -31.26 3.39
CA LYS J 103 21.33 -30.43 2.22
C LYS J 103 22.85 -30.46 1.92
#